data_2EQ5
#
_entry.id   2EQ5
#
_cell.length_a   152.707
_cell.length_b   152.707
_cell.length_c   81.257
_cell.angle_alpha   90.00
_cell.angle_beta   90.00
_cell.angle_gamma   120.00
#
_symmetry.space_group_name_H-M   'P 65'
#
loop_
_entity.id
_entity.type
_entity.pdbx_description
1 polymer '228aa long hypothetical hydantoin racemase'
2 water water
#
_entity_poly.entity_id   1
_entity_poly.type   'polypeptide(L)'
_entity_poly.pdbx_seq_one_letter_code
;MYRMDKYTIGLIRVITLEDKEILNLHGRIIESAFPELKVVSRCIEDQPKGIYNEETEREAEPKIIRLAKEFEREGVDAII
ISCAADPAVEKVRKLLSIPVIGAGSSVSALALAYGRRVGVLNLTEETPKVIRSILGNNLIAEDHPSGVSNTLDLLTDWGR
REVINAAKRLKEKGVEVIALGCTGMSTIGIAPVLEEEVGIPVIDPVIASGAVALHALKRREVKRFEGR
;
_entity_poly.pdbx_strand_id   A,B,C,D
#
# COMPACT_ATOMS: atom_id res chain seq x y z
N LYS A 6 23.99 16.89 -1.03
CA LYS A 6 23.68 16.37 0.34
C LYS A 6 24.15 17.29 1.47
N TYR A 7 23.53 17.14 2.64
CA TYR A 7 23.85 17.92 3.83
C TYR A 7 24.62 17.02 4.80
N THR A 8 25.49 17.62 5.62
CA THR A 8 26.26 16.86 6.60
C THR A 8 25.86 17.18 8.03
N ILE A 9 25.40 16.16 8.75
CA ILE A 9 24.97 16.32 10.13
C ILE A 9 25.96 15.70 11.10
N GLY A 10 26.21 16.43 12.19
CA GLY A 10 27.09 15.92 13.23
C GLY A 10 26.18 15.34 14.28
N LEU A 11 26.20 14.03 14.44
CA LEU A 11 25.34 13.40 15.44
C LEU A 11 26.15 12.96 16.66
N ILE A 12 25.64 13.32 17.84
CA ILE A 12 26.30 12.99 19.07
C ILE A 12 25.58 11.91 19.87
N ARG A 13 26.36 10.90 20.29
CA ARG A 13 25.85 9.82 21.11
C ARG A 13 26.31 10.15 22.53
N VAL A 14 25.37 10.16 23.48
CA VAL A 14 25.69 10.48 24.87
C VAL A 14 26.16 9.26 25.65
N ILE A 15 26.53 8.21 24.92
CA ILE A 15 27.03 6.99 25.54
C ILE A 15 28.27 6.59 24.73
N THR A 16 29.34 6.20 25.44
CA THR A 16 30.59 5.81 24.80
C THR A 16 30.45 4.44 24.14
N LEU A 17 30.75 4.38 22.84
CA LEU A 17 30.65 3.14 22.06
C LEU A 17 31.96 2.81 21.36
N GLU A 18 32.40 1.56 21.49
CA GLU A 18 33.65 1.13 20.86
C GLU A 18 33.41 0.58 19.47
N ASP A 19 32.34 -0.18 19.33
CA ASP A 19 32.01 -0.76 18.04
C ASP A 19 31.56 0.38 17.12
N LYS A 20 32.38 0.69 16.13
CA LYS A 20 32.09 1.75 15.17
C LYS A 20 30.71 1.52 14.59
N GLU A 21 30.42 0.28 14.26
CA GLU A 21 29.13 -0.11 13.68
C GLU A 21 27.98 0.37 14.56
N ILE A 22 28.07 0.09 15.86
CA ILE A 22 27.05 0.46 16.83
C ILE A 22 26.92 1.97 16.95
N LEU A 23 28.04 2.65 17.15
CA LEU A 23 28.05 4.10 17.28
C LEU A 23 27.25 4.75 16.15
N ASN A 24 27.37 4.18 14.95
CA ASN A 24 26.70 4.71 13.76
C ASN A 24 25.28 4.25 13.45
N LEU A 25 24.70 3.39 14.29
CA LEU A 25 23.34 2.92 14.03
C LEU A 25 22.30 4.02 13.82
N HIS A 26 22.43 5.12 14.57
CA HIS A 26 21.50 6.23 14.46
C HIS A 26 21.60 7.00 13.15
N GLY A 27 22.81 7.34 12.75
CA GLY A 27 23.02 8.07 11.51
C GLY A 27 22.55 7.28 10.29
N ARG A 28 22.77 5.97 10.33
CA ARG A 28 22.37 5.09 9.24
C ARG A 28 20.84 5.11 9.10
N ILE A 29 20.16 5.12 10.26
CA ILE A 29 18.70 5.16 10.32
C ILE A 29 18.19 6.45 9.68
N ILE A 30 18.83 7.58 9.98
CA ILE A 30 18.45 8.87 9.42
C ILE A 30 18.77 8.95 7.93
N GLU A 31 19.95 8.47 7.53
CA GLU A 31 20.38 8.49 6.14
C GLU A 31 19.46 7.65 5.30
N SER A 32 19.05 6.52 5.87
CA SER A 32 18.14 5.62 5.18
C SER A 32 16.86 6.40 4.87
N ALA A 33 16.25 6.94 5.91
CA ALA A 33 15.00 7.68 5.80
C ALA A 33 15.12 8.94 4.94
N PHE A 34 16.16 9.73 5.19
CA PHE A 34 16.39 10.99 4.47
C PHE A 34 17.75 10.95 3.76
N PRO A 35 17.75 10.62 2.47
CA PRO A 35 18.93 10.53 1.61
C PRO A 35 19.71 11.81 1.38
N GLU A 36 19.04 12.96 1.42
CA GLU A 36 19.75 14.21 1.22
C GLU A 36 20.77 14.41 2.34
N LEU A 37 20.53 13.74 3.48
CA LEU A 37 21.39 13.87 4.65
C LEU A 37 22.47 12.81 4.84
N LYS A 38 23.67 13.27 5.15
CA LYS A 38 24.82 12.42 5.43
C LYS A 38 25.13 12.72 6.89
N VAL A 39 25.13 11.68 7.73
CA VAL A 39 25.35 11.85 9.15
C VAL A 39 26.65 11.32 9.69
N VAL A 40 27.41 12.19 10.35
CA VAL A 40 28.67 11.79 10.96
C VAL A 40 28.35 11.66 12.43
N SER A 41 28.48 10.45 12.96
CA SER A 41 28.18 10.19 14.36
C SER A 41 29.42 10.08 15.23
N ARG A 42 29.39 10.75 16.37
CA ARG A 42 30.50 10.72 17.32
C ARG A 42 29.96 10.68 18.75
N CYS A 43 30.60 9.89 19.60
CA CYS A 43 30.16 9.74 20.99
C CYS A 43 31.04 10.45 22.00
N ILE A 44 30.51 10.60 23.22
CA ILE A 44 31.27 11.21 24.28
C ILE A 44 32.09 10.08 24.90
N GLU A 45 33.18 10.47 25.54
CA GLU A 45 34.09 9.54 26.16
C GLU A 45 33.90 9.44 27.66
N ASP A 46 34.62 8.52 28.26
CA ASP A 46 34.58 8.29 29.71
C ASP A 46 33.17 8.22 30.27
N GLN A 47 32.26 7.64 29.49
CA GLN A 47 30.87 7.48 29.92
C GLN A 47 30.29 6.33 29.11
N PRO A 48 30.72 5.08 29.43
CA PRO A 48 30.27 3.85 28.77
C PRO A 48 28.83 3.50 29.12
N LYS A 49 28.37 3.99 30.28
CA LYS A 49 27.01 3.73 30.73
C LYS A 49 26.05 4.85 30.29
N GLY A 50 26.60 5.85 29.62
CA GLY A 50 25.78 6.95 29.14
C GLY A 50 25.06 7.78 30.18
N ILE A 51 23.92 8.34 29.78
CA ILE A 51 23.12 9.18 30.67
C ILE A 51 21.86 8.47 31.13
N TYR A 52 21.76 8.28 32.45
CA TYR A 52 20.60 7.62 33.05
C TYR A 52 20.06 8.34 34.28
N ASN A 53 20.62 9.52 34.56
CA ASN A 53 20.17 10.35 35.68
C ASN A 53 20.69 11.78 35.54
N GLU A 54 20.60 12.53 36.62
CA GLU A 54 21.03 13.93 36.64
C GLU A 54 22.56 14.09 36.66
N GLU A 55 23.23 13.19 37.36
CA GLU A 55 24.69 13.24 37.48
C GLU A 55 25.35 12.94 36.15
N THR A 56 25.01 11.80 35.57
CA THR A 56 25.57 11.41 34.29
C THR A 56 25.19 12.45 33.25
N GLU A 57 24.02 13.05 33.44
CA GLU A 57 23.54 14.09 32.53
C GLU A 57 24.48 15.28 32.65
N ARG A 58 24.44 15.94 33.81
CA ARG A 58 25.29 17.09 34.06
C ARG A 58 26.75 16.79 33.77
N GLU A 59 27.13 15.52 33.91
CA GLU A 59 28.50 15.10 33.64
C GLU A 59 28.81 15.12 32.15
N ALA A 60 27.80 14.83 31.34
CA ALA A 60 27.96 14.80 29.89
C ALA A 60 27.80 16.16 29.22
N GLU A 61 27.10 17.09 29.88
CA GLU A 61 26.88 18.42 29.32
C GLU A 61 28.12 19.02 28.67
N PRO A 62 29.26 19.04 29.40
CA PRO A 62 30.50 19.60 28.85
C PRO A 62 31.09 18.84 27.66
N LYS A 63 31.02 17.50 27.69
CA LYS A 63 31.55 16.67 26.61
C LYS A 63 30.70 16.89 25.36
N ILE A 64 29.39 16.91 25.55
CA ILE A 64 28.44 17.13 24.47
C ILE A 64 28.78 18.46 23.81
N ILE A 65 28.87 19.50 24.64
CA ILE A 65 29.17 20.86 24.18
C ILE A 65 30.49 20.94 23.42
N ARG A 66 31.49 20.18 23.87
CA ARG A 66 32.79 20.18 23.23
C ARG A 66 32.74 19.51 21.85
N LEU A 67 31.97 18.43 21.74
CA LEU A 67 31.83 17.73 20.48
C LEU A 67 30.99 18.56 19.49
N ALA A 68 29.88 19.10 19.99
CA ALA A 68 29.00 19.91 19.16
C ALA A 68 29.79 21.04 18.51
N LYS A 69 30.67 21.65 19.29
CA LYS A 69 31.50 22.76 18.85
C LYS A 69 32.50 22.33 17.77
N GLU A 70 33.10 21.15 17.98
CA GLU A 70 34.07 20.60 17.03
C GLU A 70 33.40 20.23 15.71
N PHE A 71 32.10 19.92 15.76
CA PHE A 71 31.36 19.57 14.55
C PHE A 71 31.10 20.82 13.70
N GLU A 72 30.92 21.96 14.36
CA GLU A 72 30.64 23.21 13.64
C GLU A 72 31.88 23.74 12.92
N ARG A 73 33.05 23.58 13.54
CA ARG A 73 34.32 24.03 12.96
C ARG A 73 34.67 23.18 11.75
N GLU A 74 34.09 21.99 11.69
CA GLU A 74 34.35 21.08 10.59
C GLU A 74 33.36 21.28 9.45
N GLY A 75 32.38 22.14 9.65
CA GLY A 75 31.42 22.43 8.61
C GLY A 75 30.08 21.70 8.58
N VAL A 76 29.71 21.01 9.66
CA VAL A 76 28.42 20.33 9.65
C VAL A 76 27.34 21.39 9.52
N ASP A 77 26.28 21.07 8.79
CA ASP A 77 25.18 22.01 8.59
C ASP A 77 24.28 22.08 9.81
N ALA A 78 24.29 21.03 10.62
CA ALA A 78 23.45 21.00 11.82
C ALA A 78 23.90 19.94 12.82
N ILE A 79 23.39 20.07 14.04
CA ILE A 79 23.71 19.14 15.11
C ILE A 79 22.45 18.39 15.53
N ILE A 80 22.62 17.15 15.97
CA ILE A 80 21.51 16.36 16.45
C ILE A 80 22.03 15.70 17.70
N ILE A 81 21.49 16.07 18.85
CA ILE A 81 21.90 15.45 20.09
C ILE A 81 20.96 14.24 20.19
N SER A 82 21.51 13.08 19.89
CA SER A 82 20.75 11.84 19.85
C SER A 82 20.37 11.21 21.18
N CYS A 83 19.59 11.95 21.96
CA CYS A 83 19.11 11.47 23.25
C CYS A 83 17.75 12.15 23.47
N ALA A 84 16.79 11.36 23.98
CA ALA A 84 15.42 11.82 24.24
C ALA A 84 15.30 12.89 25.34
N ALA A 85 16.32 13.00 26.16
CA ALA A 85 16.33 13.97 27.25
C ALA A 85 16.80 15.33 26.77
N ASP A 86 17.19 15.42 25.50
CA ASP A 86 17.68 16.69 24.93
C ASP A 86 18.78 17.24 25.84
N PRO A 87 19.76 16.40 26.21
CA PRO A 87 20.88 16.78 27.08
C PRO A 87 21.78 17.87 26.51
N ALA A 88 21.70 19.07 27.08
CA ALA A 88 22.50 20.22 26.68
C ALA A 88 22.05 20.88 25.38
N VAL A 89 20.89 20.50 24.85
CA VAL A 89 20.40 21.08 23.60
C VAL A 89 20.18 22.60 23.71
N GLU A 90 19.58 23.02 24.83
CA GLU A 90 19.32 24.43 25.04
C GLU A 90 20.65 25.18 25.13
N LYS A 91 21.58 24.67 25.93
CA LYS A 91 22.89 25.29 26.10
C LYS A 91 23.63 25.41 24.77
N VAL A 92 23.74 24.31 24.05
CA VAL A 92 24.43 24.29 22.77
C VAL A 92 23.85 25.26 21.74
N ARG A 93 22.52 25.36 21.68
CA ARG A 93 21.90 26.27 20.73
C ARG A 93 22.42 27.68 20.96
N LYS A 94 22.48 28.09 22.23
CA LYS A 94 22.96 29.41 22.59
C LYS A 94 24.39 29.65 22.12
N LEU A 95 25.15 28.56 21.98
CA LEU A 95 26.56 28.60 21.56
C LEU A 95 26.88 28.50 20.07
N LEU A 96 26.07 27.77 19.30
CA LEU A 96 26.36 27.60 17.88
C LEU A 96 25.52 28.46 16.95
N SER A 97 25.98 28.58 15.70
CA SER A 97 25.30 29.38 14.69
C SER A 97 24.62 28.52 13.63
N ILE A 98 24.35 27.26 14.00
CA ILE A 98 23.68 26.32 13.13
C ILE A 98 22.56 25.70 13.95
N PRO A 99 21.59 25.05 13.29
CA PRO A 99 20.47 24.44 14.03
C PRO A 99 20.96 23.33 14.97
N VAL A 100 20.36 23.24 16.15
CA VAL A 100 20.69 22.19 17.11
C VAL A 100 19.39 21.41 17.38
N ILE A 101 19.33 20.21 16.81
CA ILE A 101 18.17 19.31 16.91
C ILE A 101 18.27 18.35 18.09
N GLY A 102 17.14 18.12 18.75
CA GLY A 102 17.12 17.21 19.88
C GLY A 102 16.14 16.08 19.64
N ALA A 103 16.57 14.85 19.92
CA ALA A 103 15.70 13.70 19.74
C ALA A 103 14.44 13.86 20.58
N GLY A 104 14.60 14.39 21.79
CA GLY A 104 13.48 14.58 22.71
C GLY A 104 12.44 15.58 22.27
N SER A 105 12.88 16.76 21.83
CA SER A 105 11.94 17.76 21.36
C SER A 105 11.45 17.42 19.96
N SER A 106 12.26 16.70 19.19
CA SER A 106 11.87 16.31 17.84
C SER A 106 10.74 15.27 17.83
N VAL A 107 10.86 14.24 18.66
CA VAL A 107 9.83 13.21 18.69
C VAL A 107 8.50 13.73 19.25
N SER A 108 8.56 14.56 20.29
CA SER A 108 7.36 15.09 20.90
C SER A 108 6.72 16.19 20.05
N ALA A 109 7.54 17.01 19.42
CA ALA A 109 7.01 18.07 18.57
C ALA A 109 6.31 17.48 17.33
N LEU A 110 6.97 16.54 16.67
CA LEU A 110 6.43 15.90 15.48
C LEU A 110 5.21 15.04 15.77
N ALA A 111 5.11 14.53 16.99
CA ALA A 111 3.95 13.73 17.39
C ALA A 111 2.69 14.61 17.36
N LEU A 112 2.83 15.86 17.79
CA LEU A 112 1.72 16.81 17.82
C LEU A 112 1.19 17.15 16.43
N ALA A 113 2.03 16.97 15.43
CA ALA A 113 1.66 17.24 14.05
C ALA A 113 0.81 16.10 13.53
N TYR A 114 0.75 15.01 14.30
CA TYR A 114 -0.07 13.85 13.94
C TYR A 114 -1.34 13.75 14.78
N GLY A 115 -1.26 14.17 16.04
CA GLY A 115 -2.41 14.11 16.91
C GLY A 115 -2.17 14.96 18.14
N ARG A 116 -3.22 15.56 18.68
CA ARG A 116 -3.04 16.38 19.88
C ARG A 116 -3.10 15.52 21.14
N ARG A 117 -3.75 14.37 21.05
CA ARG A 117 -3.82 13.50 22.20
C ARG A 117 -2.63 12.54 22.09
N VAL A 118 -1.55 12.92 22.73
CA VAL A 118 -0.32 12.16 22.68
C VAL A 118 -0.07 11.28 23.91
N GLY A 119 0.33 10.04 23.65
CA GLY A 119 0.67 9.11 24.70
C GLY A 119 2.17 8.88 24.53
N VAL A 120 2.89 8.66 25.63
CA VAL A 120 4.34 8.42 25.54
C VAL A 120 4.68 7.02 26.00
N LEU A 121 5.52 6.33 25.25
CA LEU A 121 5.93 4.98 25.61
C LEU A 121 7.42 4.95 25.91
N ASN A 122 7.77 4.77 27.18
CA ASN A 122 9.16 4.71 27.60
C ASN A 122 9.58 3.26 27.81
N LEU A 123 10.85 3.06 28.15
CA LEU A 123 11.34 1.72 28.40
C LEU A 123 11.29 1.45 29.89
N THR A 124 12.07 2.22 30.65
CA THR A 124 12.14 2.08 32.10
C THR A 124 12.08 3.45 32.77
N GLU A 125 12.83 4.40 32.22
CA GLU A 125 12.87 5.76 32.74
C GLU A 125 11.48 6.40 32.64
N GLU A 126 11.16 7.33 33.53
CA GLU A 126 9.88 8.02 33.48
C GLU A 126 9.95 8.85 32.21
N THR A 127 8.91 9.64 31.93
CA THR A 127 8.95 10.46 30.73
C THR A 127 9.90 11.65 30.89
N PRO A 128 10.81 11.83 29.92
CA PRO A 128 11.76 12.95 29.98
C PRO A 128 11.03 14.30 30.12
N LYS A 129 11.61 15.20 30.91
CA LYS A 129 11.04 16.51 31.15
C LYS A 129 10.92 17.37 29.91
N VAL A 130 11.81 17.18 28.94
CA VAL A 130 11.75 17.96 27.70
C VAL A 130 10.49 17.62 26.91
N ILE A 131 10.12 16.34 26.97
CA ILE A 131 8.94 15.84 26.30
C ILE A 131 7.66 16.29 27.04
N ARG A 132 7.71 16.29 28.37
CA ARG A 132 6.58 16.72 29.15
C ARG A 132 6.36 18.21 28.92
N SER A 133 7.45 18.96 28.82
CA SER A 133 7.38 20.40 28.59
C SER A 133 6.69 20.76 27.28
N ILE A 134 7.16 20.13 26.20
CA ILE A 134 6.63 20.37 24.86
C ILE A 134 5.18 19.92 24.72
N LEU A 135 4.87 18.73 25.24
CA LEU A 135 3.53 18.18 25.15
C LEU A 135 2.47 18.86 26.02
N GLY A 136 2.89 19.55 27.09
CA GLY A 136 1.93 20.22 27.94
C GLY A 136 0.82 19.28 28.39
N ASN A 137 -0.41 19.77 28.47
CA ASN A 137 -1.47 18.87 28.90
C ASN A 137 -1.96 18.01 27.74
N ASN A 138 -1.16 17.95 26.67
CA ASN A 138 -1.45 17.12 25.52
C ASN A 138 -0.84 15.74 25.75
N LEU A 139 -0.10 15.58 26.84
CA LEU A 139 0.44 14.28 27.18
C LEU A 139 -0.73 13.64 27.93
N ILE A 140 -1.46 12.79 27.23
CA ILE A 140 -2.61 12.13 27.82
C ILE A 140 -2.18 11.06 28.81
N ALA A 141 -1.24 10.22 28.39
CA ALA A 141 -0.74 9.16 29.26
C ALA A 141 0.65 8.68 28.86
N GLU A 142 1.26 7.89 29.73
CA GLU A 142 2.57 7.32 29.50
C GLU A 142 2.54 5.89 30.03
N ASP A 143 3.29 5.01 29.38
CA ASP A 143 3.31 3.60 29.76
C ASP A 143 4.68 3.06 29.39
N HIS A 144 4.95 1.81 29.76
CA HIS A 144 6.24 1.16 29.46
C HIS A 144 6.07 -0.36 29.47
N PRO A 145 7.07 -1.09 28.93
CA PRO A 145 6.97 -2.55 28.92
C PRO A 145 7.37 -3.09 30.29
N SER A 146 6.41 -3.70 30.98
CA SER A 146 6.66 -4.26 32.30
C SER A 146 7.55 -5.49 32.19
N GLY A 147 8.60 -5.53 33.02
CA GLY A 147 9.52 -6.65 32.99
C GLY A 147 10.70 -6.46 32.07
N VAL A 148 10.65 -5.42 31.24
CA VAL A 148 11.73 -5.15 30.29
C VAL A 148 12.74 -4.13 30.82
N SER A 149 13.90 -4.62 31.25
CA SER A 149 14.95 -3.76 31.77
C SER A 149 15.94 -3.33 30.66
N ASN A 150 16.18 -4.24 29.73
CA ASN A 150 17.11 -4.01 28.63
C ASN A 150 16.36 -3.78 27.31
N THR A 151 16.86 -2.87 26.49
CA THR A 151 16.24 -2.61 25.19
C THR A 151 16.21 -3.91 24.40
N LEU A 152 17.33 -4.63 24.46
CA LEU A 152 17.47 -5.90 23.75
C LEU A 152 16.42 -6.93 24.15
N ASP A 153 15.72 -6.67 25.25
CA ASP A 153 14.69 -7.59 25.71
C ASP A 153 13.45 -7.48 24.82
N LEU A 154 13.29 -6.35 24.15
CA LEU A 154 12.14 -6.12 23.27
C LEU A 154 12.21 -7.03 22.05
N LEU A 155 13.37 -7.63 21.84
CA LEU A 155 13.60 -8.54 20.72
C LEU A 155 13.08 -9.94 21.04
N THR A 156 13.07 -10.28 22.33
CA THR A 156 12.59 -11.60 22.78
C THR A 156 11.08 -11.70 22.62
N ASP A 157 10.54 -12.91 22.74
CA ASP A 157 9.11 -13.11 22.58
C ASP A 157 8.29 -12.45 23.68
N TRP A 158 8.76 -12.53 24.92
CA TRP A 158 8.03 -11.93 26.04
C TRP A 158 8.21 -10.42 26.06
N GLY A 159 9.43 -9.96 25.80
CA GLY A 159 9.73 -8.53 25.81
C GLY A 159 8.99 -7.83 24.70
N ARG A 160 8.90 -8.50 23.55
CA ARG A 160 8.20 -7.97 22.40
C ARG A 160 6.75 -7.77 22.85
N ARG A 161 6.17 -8.80 23.45
CA ARG A 161 4.79 -8.76 23.92
C ARG A 161 4.53 -7.62 24.90
N GLU A 162 5.51 -7.36 25.76
CA GLU A 162 5.40 -6.31 26.77
C GLU A 162 5.21 -4.91 26.17
N VAL A 163 6.05 -4.56 25.20
CA VAL A 163 5.96 -3.25 24.60
C VAL A 163 4.71 -3.12 23.74
N ILE A 164 4.33 -4.21 23.08
CA ILE A 164 3.14 -4.22 22.25
C ILE A 164 1.92 -3.93 23.11
N ASN A 165 1.87 -4.56 24.28
CA ASN A 165 0.77 -4.37 25.22
C ASN A 165 0.75 -2.95 25.79
N ALA A 166 1.94 -2.39 26.05
CA ALA A 166 2.06 -1.04 26.57
C ALA A 166 1.54 -0.06 25.52
N ALA A 167 1.69 -0.43 24.25
CA ALA A 167 1.23 0.40 23.15
C ALA A 167 -0.28 0.30 23.15
N LYS A 168 -0.76 -0.94 23.31
CA LYS A 168 -2.18 -1.22 23.36
C LYS A 168 -2.83 -0.46 24.51
N ARG A 169 -2.17 -0.39 25.65
CA ARG A 169 -2.72 0.32 26.80
C ARG A 169 -2.89 1.79 26.52
N LEU A 170 -1.93 2.37 25.81
CA LEU A 170 -2.00 3.79 25.48
C LEU A 170 -3.13 4.04 24.50
N LYS A 171 -3.22 3.23 23.46
CA LYS A 171 -4.26 3.36 22.45
C LYS A 171 -5.63 3.25 23.10
N GLU A 172 -5.74 2.36 24.08
CA GLU A 172 -6.95 2.14 24.85
C GLU A 172 -7.30 3.39 25.67
N LYS A 173 -6.31 4.23 25.96
CA LYS A 173 -6.58 5.44 26.71
C LYS A 173 -6.93 6.56 25.74
N GLY A 174 -7.13 6.19 24.48
CA GLY A 174 -7.54 7.16 23.48
C GLY A 174 -6.51 8.08 22.86
N VAL A 175 -5.22 7.81 23.07
CA VAL A 175 -4.19 8.66 22.48
C VAL A 175 -4.29 8.48 20.97
N GLU A 176 -3.97 9.53 20.23
CA GLU A 176 -4.03 9.49 18.77
C GLU A 176 -2.67 9.23 18.14
N VAL A 177 -1.62 9.31 18.95
CA VAL A 177 -0.28 9.13 18.46
C VAL A 177 0.63 8.80 19.63
N ILE A 178 1.59 7.91 19.41
CA ILE A 178 2.51 7.54 20.45
C ILE A 178 3.92 8.00 20.10
N ALA A 179 4.56 8.69 21.02
CA ALA A 179 5.92 9.14 20.80
C ALA A 179 6.77 8.19 21.62
N LEU A 180 7.83 7.64 21.04
CA LEU A 180 8.71 6.74 21.79
C LEU A 180 9.74 7.65 22.49
N GLY A 181 9.90 7.49 23.80
CA GLY A 181 10.80 8.36 24.54
C GLY A 181 12.20 7.84 24.81
N CYS A 182 12.59 6.81 24.09
CA CYS A 182 13.89 6.19 24.27
C CYS A 182 14.49 6.01 22.87
N THR A 183 15.71 6.50 22.63
CA THR A 183 16.30 6.32 21.31
C THR A 183 16.66 4.85 21.05
N GLY A 184 16.74 4.07 22.11
CA GLY A 184 17.05 2.65 21.95
C GLY A 184 15.96 1.87 21.24
N MET A 185 14.76 2.44 21.17
CA MET A 185 13.64 1.81 20.51
C MET A 185 13.76 2.06 19.01
N SER A 186 14.47 3.14 18.67
CA SER A 186 14.70 3.49 17.29
C SER A 186 15.69 2.47 16.75
N THR A 187 16.60 2.05 17.61
CA THR A 187 17.63 1.08 17.27
C THR A 187 17.10 -0.32 16.92
N ILE A 188 16.09 -0.79 17.65
CA ILE A 188 15.52 -2.11 17.35
C ILE A 188 14.38 -2.07 16.33
N GLY A 189 13.91 -0.88 15.99
CA GLY A 189 12.84 -0.75 15.01
C GLY A 189 11.51 -1.31 15.46
N ILE A 190 11.20 -1.13 16.73
CA ILE A 190 9.96 -1.64 17.30
C ILE A 190 8.73 -0.86 16.82
N ALA A 191 8.94 0.42 16.53
CA ALA A 191 7.86 1.31 16.10
C ALA A 191 6.91 0.80 15.04
N PRO A 192 7.43 0.31 13.90
CA PRO A 192 6.51 -0.19 12.88
C PRO A 192 5.65 -1.38 13.34
N VAL A 193 6.19 -2.19 14.24
CA VAL A 193 5.47 -3.35 14.78
C VAL A 193 4.32 -2.84 15.63
N LEU A 194 4.63 -1.85 16.48
CA LEU A 194 3.63 -1.26 17.36
C LEU A 194 2.52 -0.56 16.57
N GLU A 195 2.91 0.25 15.58
CA GLU A 195 1.93 0.97 14.79
C GLU A 195 1.00 -0.03 14.12
N GLU A 196 1.60 -1.13 13.69
CA GLU A 196 0.92 -2.25 13.04
C GLU A 196 -0.15 -2.77 13.99
N GLU A 197 0.25 -2.92 15.23
CA GLU A 197 -0.59 -3.42 16.28
C GLU A 197 -1.72 -2.47 16.65
N VAL A 198 -1.39 -1.22 16.98
CA VAL A 198 -2.39 -0.24 17.41
C VAL A 198 -3.03 0.67 16.33
N GLY A 199 -2.51 0.65 15.12
CA GLY A 199 -3.12 1.45 14.07
C GLY A 199 -3.13 2.97 14.15
N ILE A 200 -2.19 3.53 14.87
CA ILE A 200 -2.04 4.98 14.98
C ILE A 200 -0.55 5.22 14.91
N PRO A 201 -0.12 6.41 14.48
CA PRO A 201 1.30 6.74 14.38
C PRO A 201 2.10 6.53 15.66
N VAL A 202 3.24 5.87 15.52
CA VAL A 202 4.17 5.60 16.61
C VAL A 202 5.44 6.29 16.15
N ILE A 203 5.81 7.38 16.83
CA ILE A 203 6.95 8.17 16.42
C ILE A 203 8.33 7.78 16.97
N ASP A 204 9.21 7.48 16.02
CA ASP A 204 10.58 7.10 16.23
C ASP A 204 11.36 8.39 16.47
N PRO A 205 12.00 8.51 17.65
CA PRO A 205 12.78 9.71 18.02
C PRO A 205 13.97 10.01 17.09
N VAL A 206 14.69 8.97 16.68
CA VAL A 206 15.82 9.16 15.77
C VAL A 206 15.35 9.64 14.39
N ILE A 207 14.31 9.01 13.85
CA ILE A 207 13.80 9.42 12.54
C ILE A 207 13.24 10.83 12.61
N ALA A 208 12.53 11.15 13.70
CA ALA A 208 11.94 12.47 13.91
C ALA A 208 13.00 13.56 13.89
N SER A 209 14.13 13.29 14.57
CA SER A 209 15.22 14.27 14.60
C SER A 209 15.74 14.53 13.19
N GLY A 210 15.73 13.49 12.35
CA GLY A 210 16.18 13.64 10.98
C GLY A 210 15.26 14.54 10.20
N ALA A 211 13.97 14.36 10.41
CA ALA A 211 12.98 15.18 9.72
C ALA A 211 13.14 16.64 10.13
N VAL A 212 13.36 16.87 11.42
CA VAL A 212 13.52 18.23 11.90
C VAL A 212 14.84 18.79 11.39
N ALA A 213 15.89 17.97 11.34
CA ALA A 213 17.17 18.45 10.83
C ALA A 213 17.01 18.85 9.37
N LEU A 214 16.23 18.07 8.62
CA LEU A 214 16.01 18.36 7.20
C LEU A 214 15.19 19.64 6.99
N HIS A 215 14.21 19.87 7.86
CA HIS A 215 13.38 21.06 7.74
C HIS A 215 14.24 22.30 8.01
N ALA A 216 15.03 22.24 9.07
CA ALA A 216 15.89 23.35 9.42
C ALA A 216 16.71 23.76 8.20
N LEU A 217 17.42 22.80 7.61
CA LEU A 217 18.24 23.07 6.44
C LEU A 217 17.49 23.47 5.16
N LYS A 218 16.43 22.73 4.82
CA LYS A 218 15.68 23.04 3.62
C LYS A 218 14.89 24.34 3.69
N ARG A 219 14.51 24.78 4.90
CA ARG A 219 13.74 26.01 5.03
C ARG A 219 14.54 27.27 4.68
N ARG A 220 15.61 27.09 3.90
CA ARG A 220 16.46 28.20 3.48
C ARG A 220 16.90 28.03 2.00
N LYS B 6 9.28 10.06 -6.99
CA LYS B 6 8.60 11.13 -6.19
C LYS B 6 7.23 10.68 -5.68
N TYR B 7 6.80 11.26 -4.57
CA TYR B 7 5.50 10.95 -4.01
C TYR B 7 4.55 12.01 -4.54
N THR B 8 3.26 11.84 -4.29
CA THR B 8 2.30 12.83 -4.75
C THR B 8 1.46 13.34 -3.59
N ILE B 9 1.56 14.64 -3.36
CA ILE B 9 0.80 15.27 -2.29
C ILE B 9 -0.45 15.90 -2.86
N GLY B 10 -1.58 15.67 -2.20
CA GLY B 10 -2.82 16.26 -2.62
C GLY B 10 -3.04 17.45 -1.72
N LEU B 11 -2.74 18.66 -2.22
CA LEU B 11 -2.90 19.89 -1.45
C LEU B 11 -4.22 20.63 -1.70
N ILE B 12 -4.92 20.93 -0.62
CA ILE B 12 -6.19 21.62 -0.69
C ILE B 12 -6.10 23.09 -0.32
N ARG B 13 -6.41 23.97 -1.28
CA ARG B 13 -6.42 25.40 -1.07
C ARG B 13 -7.85 25.74 -0.62
N VAL B 14 -7.99 26.46 0.49
CA VAL B 14 -9.30 26.80 1.04
C VAL B 14 -9.93 28.08 0.50
N ILE B 15 -9.59 28.43 -0.73
CA ILE B 15 -10.16 29.62 -1.36
C ILE B 15 -10.22 29.37 -2.86
N THR B 16 -11.34 29.74 -3.47
CA THR B 16 -11.51 29.55 -4.90
C THR B 16 -10.51 30.42 -5.67
N LEU B 17 -9.68 29.77 -6.47
CA LEU B 17 -8.65 30.45 -7.26
C LEU B 17 -8.78 30.14 -8.76
N GLU B 18 -9.04 31.18 -9.53
CA GLU B 18 -9.22 31.07 -10.99
C GLU B 18 -7.91 30.81 -11.74
N ASP B 19 -6.93 31.68 -11.52
CA ASP B 19 -5.63 31.56 -12.19
C ASP B 19 -4.80 30.37 -11.71
N LYS B 20 -4.38 29.54 -12.66
CA LYS B 20 -3.58 28.35 -12.36
C LYS B 20 -2.29 28.66 -11.61
N GLU B 21 -1.62 29.73 -12.00
CA GLU B 21 -0.38 30.14 -11.36
C GLU B 21 -0.59 30.37 -9.86
N ILE B 22 -1.62 31.13 -9.53
CA ILE B 22 -1.96 31.48 -8.15
C ILE B 22 -2.50 30.30 -7.34
N LEU B 23 -3.14 29.36 -8.02
CA LEU B 23 -3.70 28.18 -7.36
C LEU B 23 -2.61 27.23 -6.91
N ASN B 24 -1.53 27.16 -7.69
CA ASN B 24 -0.43 26.26 -7.37
C ASN B 24 0.74 26.92 -6.65
N LEU B 25 0.45 28.00 -5.92
CA LEU B 25 1.48 28.72 -5.18
C LEU B 25 2.08 27.82 -4.10
N HIS B 26 1.23 27.40 -3.17
CA HIS B 26 1.66 26.55 -2.06
C HIS B 26 2.32 25.25 -2.50
N GLY B 27 1.84 24.68 -3.59
CA GLY B 27 2.41 23.45 -4.10
C GLY B 27 3.84 23.61 -4.57
N ARG B 28 4.12 24.70 -5.27
CA ARG B 28 5.46 24.98 -5.79
C ARG B 28 6.49 25.15 -4.68
N ILE B 29 6.09 25.88 -3.64
CA ILE B 29 6.93 26.14 -2.48
C ILE B 29 7.41 24.83 -1.88
N ILE B 30 6.45 23.93 -1.67
CA ILE B 30 6.74 22.62 -1.11
C ILE B 30 7.67 21.76 -1.96
N GLU B 31 7.52 21.84 -3.30
CA GLU B 31 8.34 21.05 -4.22
C GLU B 31 9.78 21.54 -4.25
N SER B 32 9.95 22.85 -4.15
CA SER B 32 11.28 23.42 -4.15
C SER B 32 12.02 23.11 -2.85
N ALA B 33 11.29 23.13 -1.74
CA ALA B 33 11.88 22.85 -0.43
C ALA B 33 12.14 21.36 -0.28
N PHE B 34 11.26 20.57 -0.88
CA PHE B 34 11.34 19.11 -0.80
C PHE B 34 11.08 18.50 -2.20
N PRO B 35 12.15 18.29 -2.97
CA PRO B 35 12.06 17.71 -4.32
C PRO B 35 11.47 16.29 -4.39
N GLU B 36 11.32 15.65 -3.23
CA GLU B 36 10.78 14.27 -3.17
C GLU B 36 9.27 14.25 -3.29
N LEU B 37 8.66 15.44 -3.35
CA LEU B 37 7.21 15.52 -3.44
C LEU B 37 6.73 16.27 -4.67
N LYS B 38 5.64 15.78 -5.26
CA LYS B 38 5.02 16.41 -6.41
C LYS B 38 3.70 16.85 -5.80
N VAL B 39 3.38 18.14 -5.90
CA VAL B 39 2.15 18.63 -5.28
C VAL B 39 1.02 18.98 -6.22
N VAL B 40 -0.07 18.23 -6.13
CA VAL B 40 -1.26 18.49 -6.93
C VAL B 40 -2.15 19.37 -6.07
N SER B 41 -2.29 20.62 -6.46
CA SER B 41 -3.11 21.57 -5.71
C SER B 41 -4.47 21.72 -6.36
N ARG B 42 -5.50 21.82 -5.51
CA ARG B 42 -6.88 22.01 -5.93
C ARG B 42 -7.60 22.85 -4.89
N CYS B 43 -8.58 23.66 -5.30
CA CYS B 43 -9.29 24.50 -4.34
C CYS B 43 -10.76 24.18 -4.21
N ILE B 44 -11.34 24.61 -3.09
CA ILE B 44 -12.75 24.41 -2.81
C ILE B 44 -13.56 25.43 -3.61
N GLU B 45 -14.85 25.17 -3.79
CA GLU B 45 -15.69 26.06 -4.56
C GLU B 45 -16.64 26.90 -3.71
N ASP B 46 -17.02 28.06 -4.24
CA ASP B 46 -17.93 29.00 -3.56
C ASP B 46 -17.25 29.55 -2.32
N GLN B 47 -15.92 29.56 -2.35
CA GLN B 47 -15.11 30.07 -1.26
C GLN B 47 -14.19 31.12 -1.87
N PRO B 48 -14.78 32.15 -2.49
CA PRO B 48 -14.02 33.24 -3.12
C PRO B 48 -13.12 33.96 -2.13
N LYS B 49 -13.64 34.12 -0.92
CA LYS B 49 -12.95 34.82 0.16
C LYS B 49 -12.20 33.91 1.13
N GLY B 50 -12.24 32.60 0.88
CA GLY B 50 -11.55 31.66 1.76
C GLY B 50 -12.22 31.54 3.11
N ILE B 51 -11.46 31.15 4.12
CA ILE B 51 -11.98 30.97 5.48
C ILE B 51 -11.50 32.11 6.38
N TYR B 52 -12.42 32.99 6.76
CA TYR B 52 -12.08 34.12 7.61
C TYR B 52 -12.82 34.16 8.94
N ASN B 53 -14.05 33.65 8.97
CA ASN B 53 -14.83 33.62 10.20
C ASN B 53 -15.15 32.16 10.53
N GLU B 54 -16.07 31.93 11.46
CA GLU B 54 -16.43 30.56 11.83
C GLU B 54 -17.52 29.99 10.94
N GLU B 55 -18.32 30.85 10.32
CA GLU B 55 -19.39 30.39 9.44
C GLU B 55 -18.80 30.02 8.08
N THR B 56 -17.83 30.81 7.63
CA THR B 56 -17.16 30.57 6.35
C THR B 56 -16.36 29.27 6.44
N GLU B 57 -15.83 29.00 7.62
CA GLU B 57 -15.07 27.79 7.88
C GLU B 57 -16.02 26.60 7.79
N ARG B 58 -17.22 26.75 8.33
CA ARG B 58 -18.22 25.68 8.29
C ARG B 58 -18.58 25.40 6.83
N GLU B 59 -18.87 26.48 6.10
CA GLU B 59 -19.25 26.41 4.69
C GLU B 59 -18.25 25.63 3.87
N ALA B 60 -16.96 25.85 4.13
CA ALA B 60 -15.90 25.18 3.39
C ALA B 60 -15.53 23.80 3.91
N GLU B 61 -16.03 23.43 5.08
CA GLU B 61 -15.69 22.13 5.67
C GLU B 61 -16.02 20.96 4.75
N PRO B 62 -17.29 20.75 4.42
CA PRO B 62 -17.66 19.64 3.53
C PRO B 62 -17.02 19.70 2.15
N LYS B 63 -16.60 20.89 1.73
CA LYS B 63 -15.94 21.08 0.44
C LYS B 63 -14.51 20.56 0.58
N ILE B 64 -13.96 20.68 1.79
CA ILE B 64 -12.61 20.20 2.09
C ILE B 64 -12.71 18.68 2.08
N ILE B 65 -13.56 18.18 2.97
CA ILE B 65 -13.81 16.75 3.10
C ILE B 65 -14.04 16.12 1.73
N ARG B 66 -14.64 16.86 0.81
CA ARG B 66 -14.92 16.32 -0.51
C ARG B 66 -13.63 16.17 -1.29
N LEU B 67 -12.88 17.26 -1.41
CA LEU B 67 -11.63 17.21 -2.15
C LEU B 67 -10.72 16.12 -1.58
N ALA B 68 -10.77 15.92 -0.27
CA ALA B 68 -9.94 14.92 0.39
C ALA B 68 -10.27 13.51 -0.08
N LYS B 69 -11.56 13.19 -0.12
CA LYS B 69 -12.02 11.88 -0.58
C LYS B 69 -11.52 11.59 -1.99
N GLU B 70 -11.69 12.58 -2.86
CA GLU B 70 -11.25 12.48 -4.25
C GLU B 70 -9.75 12.20 -4.33
N PHE B 71 -8.96 13.07 -3.69
CA PHE B 71 -7.51 12.93 -3.72
C PHE B 71 -7.05 11.52 -3.35
N GLU B 72 -7.60 10.95 -2.28
CA GLU B 72 -7.21 9.60 -1.86
C GLU B 72 -7.56 8.64 -2.99
N ARG B 73 -8.83 8.63 -3.34
CA ARG B 73 -9.37 7.80 -4.41
C ARG B 73 -8.47 7.83 -5.65
N GLU B 74 -7.96 9.02 -5.98
CA GLU B 74 -7.11 9.19 -7.14
C GLU B 74 -5.64 8.85 -6.89
N GLY B 75 -5.36 8.26 -5.74
CA GLY B 75 -4.01 7.82 -5.41
C GLY B 75 -2.92 8.72 -4.82
N VAL B 76 -3.26 9.84 -4.18
CA VAL B 76 -2.20 10.68 -3.60
C VAL B 76 -1.66 9.99 -2.35
N ASP B 77 -0.38 10.21 -2.05
CA ASP B 77 0.24 9.59 -0.89
C ASP B 77 -0.16 10.21 0.44
N ALA B 78 -0.38 11.52 0.44
CA ALA B 78 -0.78 12.22 1.65
C ALA B 78 -1.56 13.47 1.29
N ILE B 79 -2.29 14.00 2.28
CA ILE B 79 -3.08 15.21 2.09
C ILE B 79 -2.52 16.35 2.93
N ILE B 80 -2.70 17.57 2.45
CA ILE B 80 -2.27 18.76 3.16
C ILE B 80 -3.37 19.78 2.96
N ILE B 81 -4.02 20.16 4.06
CA ILE B 81 -5.08 21.17 4.02
C ILE B 81 -4.32 22.47 4.28
N SER B 82 -3.92 23.13 3.20
CA SER B 82 -3.14 24.36 3.25
C SER B 82 -3.85 25.58 3.86
N CYS B 83 -4.01 25.55 5.19
CA CYS B 83 -4.63 26.62 5.96
C CYS B 83 -4.23 26.41 7.41
N ALA B 84 -3.59 27.41 8.00
CA ALA B 84 -3.12 27.35 9.38
C ALA B 84 -4.21 27.11 10.43
N ALA B 85 -5.48 27.11 10.03
CA ALA B 85 -6.56 26.87 10.98
C ALA B 85 -6.90 25.39 11.05
N ASP B 86 -6.19 24.58 10.26
CA ASP B 86 -6.43 23.13 10.20
C ASP B 86 -7.91 22.79 9.98
N PRO B 87 -8.59 23.53 9.07
CA PRO B 87 -10.01 23.25 8.83
C PRO B 87 -10.33 21.85 8.32
N ALA B 88 -11.22 21.17 9.03
CA ALA B 88 -11.66 19.80 8.71
C ALA B 88 -10.58 18.74 8.87
N VAL B 89 -9.38 19.16 9.28
CA VAL B 89 -8.28 18.23 9.46
C VAL B 89 -8.68 17.03 10.31
N GLU B 90 -9.19 17.28 11.51
CA GLU B 90 -9.58 16.18 12.39
C GLU B 90 -10.63 15.30 11.72
N LYS B 91 -11.65 15.92 11.14
CA LYS B 91 -12.70 15.16 10.47
C LYS B 91 -12.12 14.37 9.31
N VAL B 92 -11.22 15.01 8.57
CA VAL B 92 -10.56 14.39 7.42
C VAL B 92 -9.66 13.22 7.84
N ARG B 93 -9.19 13.23 9.08
CA ARG B 93 -8.33 12.17 9.55
C ARG B 93 -9.14 10.93 9.90
N LYS B 94 -10.37 11.14 10.36
CA LYS B 94 -11.23 10.02 10.70
C LYS B 94 -11.82 9.34 9.46
N LEU B 95 -11.78 10.04 8.32
CA LEU B 95 -12.33 9.51 7.06
C LEU B 95 -11.32 8.83 6.13
N LEU B 96 -10.15 9.43 5.98
CA LEU B 96 -9.12 8.87 5.10
C LEU B 96 -8.11 8.08 5.92
N SER B 97 -7.40 7.18 5.25
CA SER B 97 -6.40 6.38 5.93
C SER B 97 -4.97 6.83 5.62
N ILE B 98 -4.78 7.54 4.50
CA ILE B 98 -3.46 8.05 4.16
C ILE B 98 -3.19 9.26 5.07
N PRO B 99 -1.92 9.71 5.18
CA PRO B 99 -1.59 10.85 6.02
C PRO B 99 -2.30 12.16 5.65
N VAL B 100 -2.80 12.87 6.66
CA VAL B 100 -3.48 14.13 6.46
C VAL B 100 -2.72 15.15 7.32
N ILE B 101 -2.10 16.11 6.64
CA ILE B 101 -1.28 17.15 7.28
C ILE B 101 -1.94 18.54 7.27
N GLY B 102 -2.06 19.14 8.46
CA GLY B 102 -2.64 20.48 8.57
C GLY B 102 -1.52 21.50 8.59
N ALA B 103 -1.69 22.62 7.90
CA ALA B 103 -0.64 23.64 7.87
C ALA B 103 -0.45 24.31 9.23
N GLY B 104 -1.52 24.35 10.03
CA GLY B 104 -1.47 24.98 11.33
C GLY B 104 -0.83 24.14 12.41
N SER B 105 -1.18 22.87 12.45
CA SER B 105 -0.59 21.97 13.44
C SER B 105 0.87 21.73 13.07
N SER B 106 1.18 21.87 11.78
CA SER B 106 2.54 21.68 11.29
C SER B 106 3.44 22.82 11.71
N VAL B 107 2.95 24.05 11.54
CA VAL B 107 3.77 25.21 11.89
C VAL B 107 3.98 25.35 13.39
N SER B 108 2.97 24.99 14.17
CA SER B 108 3.12 25.10 15.61
C SER B 108 3.94 23.97 16.18
N ALA B 109 3.72 22.76 15.69
CA ALA B 109 4.48 21.59 16.17
C ALA B 109 5.98 21.68 15.81
N LEU B 110 6.27 22.13 14.59
CA LEU B 110 7.66 22.26 14.17
C LEU B 110 8.36 23.41 14.89
N ALA B 111 7.61 24.44 15.26
CA ALA B 111 8.21 25.56 15.98
C ALA B 111 8.76 25.05 17.31
N LEU B 112 8.00 24.19 17.97
CA LEU B 112 8.39 23.64 19.26
C LEU B 112 9.68 22.86 19.21
N ALA B 113 10.12 22.52 18.00
CA ALA B 113 11.35 21.77 17.85
C ALA B 113 12.55 22.71 17.74
N TYR B 114 12.29 24.01 17.70
CA TYR B 114 13.35 25.03 17.62
C TYR B 114 13.55 25.77 18.94
N GLY B 115 12.55 25.71 19.81
CA GLY B 115 12.63 26.36 21.10
C GLY B 115 11.27 26.28 21.76
N ARG B 116 11.22 26.40 23.08
CA ARG B 116 9.94 26.32 23.76
C ARG B 116 9.18 27.63 23.86
N ARG B 117 9.90 28.77 23.79
CA ARG B 117 9.26 30.08 23.87
C ARG B 117 8.87 30.55 22.48
N VAL B 118 7.64 30.21 22.11
CA VAL B 118 7.13 30.53 20.79
C VAL B 118 6.27 31.78 20.65
N GLY B 119 6.48 32.49 19.54
CA GLY B 119 5.73 33.68 19.24
C GLY B 119 5.01 33.42 17.93
N VAL B 120 3.78 33.91 17.83
CA VAL B 120 2.97 33.73 16.64
C VAL B 120 2.73 35.09 15.97
N LEU B 121 3.05 35.18 14.68
CA LEU B 121 2.84 36.42 13.93
C LEU B 121 1.63 36.22 13.00
N ASN B 122 0.49 36.76 13.42
CA ASN B 122 -0.73 36.64 12.63
C ASN B 122 -0.98 37.88 11.78
N LEU B 123 -2.12 37.89 11.10
CA LEU B 123 -2.52 39.00 10.24
C LEU B 123 -3.29 40.03 11.05
N GLU B 126 -6.40 36.89 14.77
CA GLU B 126 -6.05 36.21 16.01
C GLU B 126 -5.51 34.80 15.73
N THR B 127 -4.97 34.17 16.77
CA THR B 127 -4.39 32.83 16.63
C THR B 127 -5.39 31.69 16.52
N PRO B 128 -5.26 30.87 15.46
CA PRO B 128 -6.13 29.72 15.21
C PRO B 128 -6.16 28.81 16.42
N LYS B 129 -7.34 28.24 16.68
CA LYS B 129 -7.54 27.34 17.81
C LYS B 129 -6.46 26.26 17.82
N VAL B 130 -6.25 25.64 16.67
CA VAL B 130 -5.28 24.56 16.54
C VAL B 130 -3.88 24.93 17.04
N ILE B 131 -3.40 26.11 16.65
CA ILE B 131 -2.10 26.61 17.05
C ILE B 131 -2.03 26.89 18.55
N ARG B 132 -3.13 27.38 19.12
CA ARG B 132 -3.20 27.68 20.55
C ARG B 132 -3.19 26.41 21.38
N SER B 133 -3.78 25.33 20.86
CA SER B 133 -3.83 24.06 21.55
C SER B 133 -2.48 23.35 21.54
N ILE B 134 -1.82 23.33 20.39
CA ILE B 134 -0.51 22.68 20.30
C ILE B 134 0.58 23.45 21.02
N LEU B 135 0.57 24.77 20.92
CA LEU B 135 1.57 25.58 21.60
C LEU B 135 1.28 25.59 23.09
N GLY B 136 0.01 25.71 23.45
CA GLY B 136 -0.38 25.71 24.85
C GLY B 136 0.25 26.86 25.63
N ASN B 137 0.95 26.51 26.71
CA ASN B 137 1.59 27.52 27.55
C ASN B 137 2.98 27.86 27.03
N ASN B 138 3.35 27.27 25.90
CA ASN B 138 4.63 27.55 25.28
C ASN B 138 4.44 28.77 24.37
N LEU B 139 3.19 29.18 24.20
CA LEU B 139 2.87 30.34 23.41
C LEU B 139 3.09 31.60 24.27
N ILE B 140 4.30 32.15 24.18
CA ILE B 140 4.71 33.32 24.94
C ILE B 140 4.04 34.62 24.51
N ALA B 141 3.99 34.88 23.22
CA ALA B 141 3.38 36.12 22.73
C ALA B 141 2.97 36.01 21.26
N GLU B 142 2.04 36.86 20.86
CA GLU B 142 1.56 36.90 19.49
C GLU B 142 1.42 38.35 19.04
N ASP B 143 1.53 38.59 17.74
CA ASP B 143 1.43 39.94 17.21
C ASP B 143 0.97 39.90 15.76
N HIS B 144 0.93 41.07 15.12
CA HIS B 144 0.53 41.21 13.73
C HIS B 144 0.87 42.63 13.28
N PRO B 145 1.17 42.85 11.99
CA PRO B 145 1.49 44.20 11.56
C PRO B 145 0.29 45.15 11.63
N SER B 146 0.55 46.36 12.13
CA SER B 146 -0.49 47.37 12.28
C SER B 146 -0.86 48.00 10.94
N GLY B 147 -2.13 48.38 10.80
CA GLY B 147 -2.56 49.01 9.56
C GLY B 147 -2.67 48.04 8.40
N VAL B 148 -2.07 46.87 8.56
CA VAL B 148 -2.11 45.85 7.52
C VAL B 148 -3.26 44.87 7.79
N SER B 149 -4.01 44.54 6.74
CA SER B 149 -5.13 43.62 6.84
C SER B 149 -5.18 42.68 5.64
N ASN B 150 -4.16 42.76 4.78
CA ASN B 150 -4.08 41.91 3.59
C ASN B 150 -2.63 41.63 3.21
N THR B 151 -2.36 40.39 2.79
CA THR B 151 -1.01 39.96 2.41
C THR B 151 -0.31 40.95 1.49
N LEU B 152 -1.08 41.57 0.62
CA LEU B 152 -0.59 42.53 -0.37
C LEU B 152 0.14 43.73 0.23
N ASP B 153 -0.26 44.11 1.44
CA ASP B 153 0.36 45.23 2.13
C ASP B 153 1.79 44.91 2.55
N LEU B 154 2.05 43.63 2.85
CA LEU B 154 3.37 43.20 3.28
C LEU B 154 4.42 43.31 2.17
N LEU B 155 3.95 43.60 0.96
CA LEU B 155 4.82 43.76 -0.21
C LEU B 155 5.23 45.23 -0.28
N THR B 156 4.29 46.11 0.04
CA THR B 156 4.54 47.55 0.02
C THR B 156 5.53 47.86 1.14
N ASP B 157 6.33 48.90 0.95
CA ASP B 157 7.34 49.31 1.91
C ASP B 157 6.81 49.59 3.33
N TRP B 158 5.52 49.88 3.46
CA TRP B 158 4.95 50.15 4.78
C TRP B 158 4.43 48.85 5.40
N GLY B 159 3.71 48.07 4.60
CA GLY B 159 3.17 46.81 5.09
C GLY B 159 4.32 45.87 5.38
N ARG B 160 5.47 46.16 4.77
CA ARG B 160 6.67 45.36 4.97
C ARG B 160 7.25 45.74 6.32
N ARG B 161 7.49 47.04 6.51
CA ARG B 161 8.04 47.51 7.77
C ARG B 161 7.13 47.16 8.94
N GLU B 162 5.83 47.12 8.68
CA GLU B 162 4.83 46.78 9.70
C GLU B 162 5.00 45.35 10.22
N VAL B 163 5.05 44.39 9.30
CA VAL B 163 5.22 43.00 9.68
C VAL B 163 6.63 42.83 10.29
N ILE B 164 7.60 43.59 9.82
CA ILE B 164 8.95 43.49 10.37
C ILE B 164 8.97 44.07 11.79
N ASN B 165 8.11 45.05 12.07
CA ASN B 165 8.04 45.66 13.39
C ASN B 165 7.37 44.69 14.37
N ALA B 166 6.29 44.05 13.90
CA ALA B 166 5.55 43.07 14.69
C ALA B 166 6.46 41.93 15.11
N ALA B 167 7.32 41.49 14.19
CA ALA B 167 8.26 40.39 14.46
C ALA B 167 9.33 40.85 15.45
N LYS B 168 9.68 42.13 15.42
CA LYS B 168 10.67 42.65 16.33
C LYS B 168 10.10 42.77 17.73
N ARG B 169 8.80 43.04 17.82
CA ARG B 169 8.15 43.14 19.11
C ARG B 169 8.05 41.75 19.73
N LEU B 170 7.87 40.74 18.89
CA LEU B 170 7.80 39.36 19.37
C LEU B 170 9.20 38.96 19.82
N LYS B 171 10.21 39.50 19.15
CA LYS B 171 11.60 39.20 19.49
C LYS B 171 11.97 39.85 20.81
N GLU B 172 11.40 41.02 21.07
CA GLU B 172 11.67 41.74 22.30
C GLU B 172 10.97 41.07 23.47
N LYS B 173 9.88 40.36 23.17
CA LYS B 173 9.12 39.65 24.20
C LYS B 173 9.89 38.39 24.61
N GLY B 174 11.08 38.21 24.03
CA GLY B 174 11.90 37.07 24.35
C GLY B 174 11.60 35.72 23.71
N VAL B 175 10.79 35.70 22.65
CA VAL B 175 10.49 34.43 21.98
C VAL B 175 11.75 33.88 21.31
N GLU B 176 11.88 32.56 21.28
CA GLU B 176 13.03 31.91 20.68
C GLU B 176 12.77 31.55 19.22
N VAL B 177 11.49 31.39 18.90
CA VAL B 177 11.06 31.04 17.56
C VAL B 177 9.73 31.71 17.29
N ILE B 178 9.50 32.09 16.03
CA ILE B 178 8.26 32.72 15.62
C ILE B 178 7.56 31.83 14.60
N ALA B 179 6.28 31.56 14.84
CA ALA B 179 5.51 30.75 13.92
C ALA B 179 4.59 31.70 13.17
N LEU B 180 4.65 31.68 11.84
CA LEU B 180 3.77 32.54 11.04
C LEU B 180 2.42 31.83 11.05
N GLY B 181 1.41 32.51 11.59
CA GLY B 181 0.08 31.92 11.70
C GLY B 181 -0.89 32.13 10.56
N CYS B 182 -0.39 32.61 9.43
CA CYS B 182 -1.23 32.86 8.27
C CYS B 182 -0.59 32.22 7.05
N THR B 183 -1.35 31.39 6.34
CA THR B 183 -0.82 30.75 5.15
C THR B 183 -0.58 31.77 4.04
N GLY B 184 -1.10 32.99 4.24
CA GLY B 184 -0.92 34.05 3.26
C GLY B 184 0.44 34.72 3.30
N MET B 185 1.19 34.45 4.37
CA MET B 185 2.52 35.02 4.53
C MET B 185 3.56 34.14 3.85
N SER B 186 3.16 32.90 3.57
CA SER B 186 4.02 31.93 2.89
C SER B 186 4.05 32.34 1.42
N THR B 187 2.98 33.01 1.00
CA THR B 187 2.84 33.47 -0.37
C THR B 187 3.88 34.52 -0.73
N ILE B 188 3.88 35.64 -0.03
CA ILE B 188 4.83 36.72 -0.29
C ILE B 188 6.25 36.36 0.15
N GLY B 189 6.42 35.16 0.71
CA GLY B 189 7.73 34.71 1.16
C GLY B 189 8.38 35.67 2.14
N ILE B 190 7.61 36.08 3.14
CA ILE B 190 8.08 37.03 4.14
C ILE B 190 9.02 36.45 5.20
N ALA B 191 8.87 35.16 5.50
CA ALA B 191 9.66 34.48 6.54
C ALA B 191 11.16 34.76 6.62
N PRO B 192 11.90 34.59 5.51
CA PRO B 192 13.35 34.85 5.55
C PRO B 192 13.67 36.33 5.75
N VAL B 193 12.75 37.18 5.32
CA VAL B 193 12.90 38.62 5.47
C VAL B 193 12.88 38.97 6.96
N LEU B 194 11.98 38.31 7.70
CA LEU B 194 11.86 38.55 9.13
C LEU B 194 13.00 37.92 9.92
N GLU B 195 13.31 36.67 9.61
CA GLU B 195 14.36 35.95 10.32
C GLU B 195 15.70 36.66 10.19
N GLU B 196 15.91 37.33 9.07
CA GLU B 196 17.15 38.05 8.87
C GLU B 196 17.16 39.25 9.81
N GLU B 197 16.00 39.89 9.92
CA GLU B 197 15.82 41.05 10.78
C GLU B 197 15.86 40.71 12.26
N VAL B 198 14.93 39.89 12.74
CA VAL B 198 14.86 39.53 14.15
C VAL B 198 15.89 38.53 14.69
N GLY B 199 16.60 37.83 13.80
CA GLY B 199 17.63 36.89 14.22
C GLY B 199 17.27 35.55 14.85
N ILE B 200 15.99 35.19 14.82
CA ILE B 200 15.53 33.92 15.38
C ILE B 200 14.73 33.17 14.32
N PRO B 201 14.68 31.83 14.39
CA PRO B 201 13.93 31.07 13.39
C PRO B 201 12.50 31.59 13.24
N VAL B 202 12.07 31.73 11.99
CA VAL B 202 10.74 32.20 11.65
C VAL B 202 10.16 31.05 10.84
N ILE B 203 9.30 30.26 11.47
CA ILE B 203 8.72 29.08 10.82
C ILE B 203 7.58 29.36 9.86
N ASP B 204 7.83 29.08 8.59
CA ASP B 204 6.85 29.25 7.52
C ASP B 204 5.92 28.03 7.53
N PRO B 205 4.61 28.25 7.60
CA PRO B 205 3.63 27.16 7.63
C PRO B 205 3.52 26.24 6.41
N VAL B 206 3.63 26.79 5.20
CA VAL B 206 3.54 25.96 4.00
C VAL B 206 4.73 25.03 3.94
N ILE B 207 5.92 25.54 4.22
CA ILE B 207 7.11 24.70 4.19
C ILE B 207 7.07 23.72 5.35
N ALA B 208 6.56 24.16 6.49
CA ALA B 208 6.46 23.27 7.64
C ALA B 208 5.62 22.04 7.26
N SER B 209 4.49 22.27 6.57
CA SER B 209 3.61 21.17 6.16
C SER B 209 4.29 20.17 5.22
N GLY B 210 5.11 20.67 4.29
CA GLY B 210 5.79 19.77 3.39
C GLY B 210 6.71 18.85 4.16
N ALA B 211 7.33 19.39 5.20
CA ALA B 211 8.25 18.65 6.05
C ALA B 211 7.55 17.53 6.84
N VAL B 212 6.41 17.83 7.44
CA VAL B 212 5.70 16.80 8.19
C VAL B 212 5.17 15.74 7.21
N ALA B 213 4.77 16.18 6.02
CA ALA B 213 4.25 15.27 5.00
C ALA B 213 5.32 14.25 4.56
N LEU B 214 6.54 14.73 4.38
CA LEU B 214 7.66 13.89 3.97
C LEU B 214 8.06 12.94 5.10
N HIS B 215 7.95 13.39 6.34
CA HIS B 215 8.29 12.56 7.49
C HIS B 215 7.19 11.50 7.56
N ALA B 216 5.95 11.95 7.38
CA ALA B 216 4.78 11.07 7.40
C ALA B 216 4.93 9.91 6.41
N LEU B 217 5.59 10.18 5.29
CA LEU B 217 5.78 9.16 4.27
C LEU B 217 7.04 8.34 4.48
N LYS B 218 8.18 9.02 4.61
CA LYS B 218 9.42 8.30 4.81
C LYS B 218 9.40 7.43 6.07
N ARG B 219 8.78 7.91 7.14
CA ARG B 219 8.72 7.17 8.41
C ARG B 219 7.99 5.81 8.32
N ARG B 220 7.15 5.63 7.31
CA ARG B 220 6.41 4.38 7.16
C ARG B 220 7.11 3.38 6.25
N GLU B 221 8.33 3.69 5.84
CA GLU B 221 9.10 2.79 4.96
C GLU B 221 10.31 2.13 5.63
N LYS C 6 -18.23 -12.18 3.59
CA LYS C 6 -17.70 -11.28 2.51
C LYS C 6 -16.23 -10.91 2.69
N TYR C 7 -15.59 -10.52 1.59
CA TYR C 7 -14.19 -10.13 1.59
C TYR C 7 -14.00 -8.75 0.95
N THR C 8 -12.90 -8.08 1.32
CA THR C 8 -12.59 -6.75 0.80
C THR C 8 -11.37 -6.82 -0.13
N ILE C 9 -11.53 -6.23 -1.32
CA ILE C 9 -10.48 -6.22 -2.33
C ILE C 9 -9.99 -4.81 -2.62
N GLY C 10 -8.68 -4.64 -2.63
CA GLY C 10 -8.12 -3.35 -2.95
C GLY C 10 -7.72 -3.43 -4.40
N LEU C 11 -8.48 -2.77 -5.27
CA LEU C 11 -8.18 -2.82 -6.70
C LEU C 11 -7.43 -1.58 -7.16
N ILE C 12 -6.37 -1.81 -7.93
CA ILE C 12 -5.53 -0.73 -8.45
C ILE C 12 -5.68 -0.52 -9.97
N ARG C 13 -6.23 0.64 -10.34
CA ARG C 13 -6.41 1.03 -11.73
C ARG C 13 -5.15 1.77 -12.17
N VAL C 14 -4.51 1.32 -13.24
CA VAL C 14 -3.27 1.93 -13.70
C VAL C 14 -3.38 3.27 -14.43
N ILE C 15 -4.60 3.81 -14.49
CA ILE C 15 -4.80 5.09 -15.16
C ILE C 15 -5.48 6.07 -14.20
N THR C 16 -5.03 7.33 -14.20
CA THR C 16 -5.62 8.33 -13.32
C THR C 16 -7.01 8.70 -13.79
N LEU C 17 -8.01 8.33 -13.01
CA LEU C 17 -9.38 8.65 -13.36
C LEU C 17 -9.93 9.67 -12.40
N GLU C 18 -10.45 10.77 -12.96
CA GLU C 18 -11.01 11.87 -12.20
C GLU C 18 -12.45 11.59 -11.75
N ASP C 19 -13.16 10.77 -12.50
CA ASP C 19 -14.54 10.48 -12.15
C ASP C 19 -14.71 9.19 -11.36
N LYS C 20 -15.36 9.32 -10.21
CA LYS C 20 -15.62 8.21 -9.29
C LYS C 20 -16.32 7.04 -9.97
N GLU C 21 -17.30 7.35 -10.80
CA GLU C 21 -18.08 6.36 -11.53
C GLU C 21 -17.15 5.52 -12.42
N ILE C 22 -16.45 6.21 -13.32
CA ILE C 22 -15.52 5.59 -14.25
C ILE C 22 -14.47 4.74 -13.54
N LEU C 23 -13.87 5.31 -12.50
CA LEU C 23 -12.85 4.62 -11.71
C LEU C 23 -13.32 3.29 -11.12
N ASN C 24 -14.50 3.30 -10.50
CA ASN C 24 -15.05 2.12 -9.86
C ASN C 24 -15.69 1.11 -10.80
N LEU C 25 -15.44 1.25 -12.09
CA LEU C 25 -16.00 0.32 -13.07
C LEU C 25 -15.58 -1.13 -12.86
N HIS C 26 -14.27 -1.38 -12.83
CA HIS C 26 -13.77 -2.73 -12.65
C HIS C 26 -14.23 -3.36 -11.34
N GLY C 27 -14.36 -2.54 -10.31
CA GLY C 27 -14.79 -3.03 -9.02
C GLY C 27 -16.24 -3.47 -9.07
N ARG C 28 -17.09 -2.64 -9.65
CA ARG C 28 -18.51 -2.97 -9.76
C ARG C 28 -18.68 -4.23 -10.60
N ILE C 29 -17.86 -4.35 -11.65
CA ILE C 29 -17.89 -5.49 -12.55
C ILE C 29 -17.59 -6.79 -11.82
N ILE C 30 -16.65 -6.74 -10.87
CA ILE C 30 -16.26 -7.92 -10.10
C ILE C 30 -17.25 -8.22 -8.97
N GLU C 31 -17.71 -7.17 -8.29
CA GLU C 31 -18.65 -7.32 -7.17
C GLU C 31 -19.95 -7.89 -7.71
N SER C 32 -20.20 -7.62 -8.99
CA SER C 32 -21.40 -8.07 -9.67
C SER C 32 -21.41 -9.61 -9.82
N ALA C 33 -20.38 -10.13 -10.49
CA ALA C 33 -20.26 -11.57 -10.71
C ALA C 33 -19.80 -12.32 -9.46
N PHE C 34 -19.07 -11.63 -8.58
CA PHE C 34 -18.59 -12.24 -7.35
C PHE C 34 -19.01 -11.44 -6.13
N PRO C 35 -20.29 -11.60 -5.74
CA PRO C 35 -20.91 -10.93 -4.59
C PRO C 35 -20.21 -11.12 -3.24
N GLU C 36 -19.36 -12.14 -3.13
CA GLU C 36 -18.62 -12.39 -1.89
C GLU C 36 -17.48 -11.37 -1.81
N LEU C 37 -17.27 -10.67 -2.91
CA LEU C 37 -16.21 -9.66 -2.99
C LEU C 37 -16.67 -8.21 -2.89
N LYS C 38 -16.00 -7.46 -2.02
CA LYS C 38 -16.26 -6.03 -1.85
C LYS C 38 -15.01 -5.37 -2.42
N VAL C 39 -15.16 -4.48 -3.39
CA VAL C 39 -14.00 -3.86 -3.98
C VAL C 39 -13.88 -2.36 -3.79
N VAL C 40 -12.71 -1.95 -3.32
CA VAL C 40 -12.38 -0.55 -3.11
C VAL C 40 -11.35 -0.25 -4.19
N SER C 41 -11.68 0.66 -5.11
CA SER C 41 -10.79 0.99 -6.20
C SER C 41 -10.08 2.35 -6.05
N ARG C 42 -8.85 2.40 -6.56
CA ARG C 42 -8.05 3.62 -6.54
C ARG C 42 -7.05 3.56 -7.69
N CYS C 43 -6.90 4.69 -8.37
CA CYS C 43 -5.98 4.77 -9.48
C CYS C 43 -4.66 5.36 -8.99
N ILE C 44 -3.72 5.52 -9.90
CA ILE C 44 -2.43 6.08 -9.56
C ILE C 44 -2.42 7.52 -10.07
N GLU C 45 -1.62 8.38 -9.45
CA GLU C 45 -1.52 9.78 -9.86
C GLU C 45 -0.61 10.00 -11.07
N ASP C 46 -0.76 11.15 -11.72
CA ASP C 46 0.01 11.52 -12.92
C ASP C 46 0.25 10.36 -13.88
N GLN C 47 -0.83 9.73 -14.30
CA GLN C 47 -0.78 8.59 -15.22
C GLN C 47 -2.06 8.69 -16.06
N PRO C 48 -2.30 9.87 -16.69
CA PRO C 48 -3.46 10.17 -17.53
C PRO C 48 -3.75 9.17 -18.65
N LYS C 49 -2.72 8.85 -19.44
CA LYS C 49 -2.86 7.92 -20.55
C LYS C 49 -2.49 6.49 -20.14
N GLY C 50 -2.67 6.20 -18.85
CA GLY C 50 -2.39 4.87 -18.32
C GLY C 50 -1.03 4.30 -18.67
N ILE C 51 -0.98 2.98 -18.72
CA ILE C 51 0.25 2.25 -19.04
C ILE C 51 0.15 1.65 -20.45
N TYR C 52 0.90 2.22 -21.39
CA TYR C 52 0.88 1.74 -22.77
C TYR C 52 2.23 1.39 -23.39
N ASN C 53 3.33 1.73 -22.71
CA ASN C 53 4.64 1.42 -23.25
C ASN C 53 5.74 1.26 -22.21
N GLU C 54 6.96 1.10 -22.71
CA GLU C 54 8.16 0.94 -21.87
C GLU C 54 8.23 1.90 -20.70
N GLU C 55 8.54 3.16 -20.98
CA GLU C 55 8.69 4.18 -19.97
C GLU C 55 7.43 4.44 -19.11
N THR C 56 6.24 4.23 -19.69
CA THR C 56 5.00 4.46 -18.95
C THR C 56 4.76 3.41 -17.88
N GLU C 57 5.22 2.19 -18.13
CA GLU C 57 5.06 1.09 -17.18
C GLU C 57 5.95 1.32 -15.96
N ARG C 58 7.21 1.69 -16.21
CA ARG C 58 8.16 1.97 -15.15
C ARG C 58 7.66 3.13 -14.31
N GLU C 59 6.91 4.02 -14.95
CA GLU C 59 6.35 5.21 -14.30
C GLU C 59 5.32 4.88 -13.23
N ALA C 60 4.42 3.95 -13.54
CA ALA C 60 3.36 3.57 -12.62
C ALA C 60 3.76 2.46 -11.65
N GLU C 61 4.88 1.81 -11.92
CA GLU C 61 5.33 0.72 -11.06
C GLU C 61 5.48 1.08 -9.58
N PRO C 62 6.13 2.21 -9.27
CA PRO C 62 6.29 2.61 -7.87
C PRO C 62 4.96 3.06 -7.24
N LYS C 63 4.12 3.67 -8.05
CA LYS C 63 2.80 4.14 -7.61
C LYS C 63 1.95 2.92 -7.24
N ILE C 64 2.04 1.87 -8.05
CA ILE C 64 1.31 0.63 -7.84
C ILE C 64 1.79 -0.02 -6.54
N ILE C 65 3.10 -0.12 -6.37
CA ILE C 65 3.69 -0.70 -5.17
C ILE C 65 3.17 0.01 -3.93
N ARG C 66 3.24 1.34 -3.93
CA ARG C 66 2.80 2.13 -2.80
C ARG C 66 1.29 2.09 -2.56
N LEU C 67 0.50 1.99 -3.62
CA LEU C 67 -0.94 1.94 -3.46
C LEU C 67 -1.27 0.58 -2.82
N ALA C 68 -0.53 -0.45 -3.22
CA ALA C 68 -0.73 -1.79 -2.68
C ALA C 68 -0.30 -1.85 -1.21
N LYS C 69 0.78 -1.16 -0.87
CA LYS C 69 1.25 -1.14 0.51
C LYS C 69 0.16 -0.51 1.35
N GLU C 70 -0.33 0.64 0.90
CA GLU C 70 -1.38 1.35 1.61
C GLU C 70 -2.61 0.46 1.77
N PHE C 71 -3.10 -0.09 0.67
CA PHE C 71 -4.29 -0.96 0.73
C PHE C 71 -4.11 -2.02 1.81
N GLU C 72 -2.94 -2.66 1.82
CA GLU C 72 -2.69 -3.68 2.82
C GLU C 72 -2.70 -3.09 4.21
N ARG C 73 -2.12 -1.91 4.35
CA ARG C 73 -2.10 -1.24 5.65
C ARG C 73 -3.54 -1.06 6.12
N GLU C 74 -4.42 -0.70 5.19
CA GLU C 74 -5.82 -0.48 5.51
C GLU C 74 -6.53 -1.81 5.76
N GLY C 75 -5.76 -2.89 5.66
CA GLY C 75 -6.27 -4.23 5.92
C GLY C 75 -7.13 -4.93 4.88
N VAL C 76 -6.97 -4.63 3.60
CA VAL C 76 -7.76 -5.31 2.57
C VAL C 76 -7.29 -6.76 2.50
N ASP C 77 -8.17 -7.67 2.12
CA ASP C 77 -7.86 -9.09 2.05
C ASP C 77 -6.97 -9.50 0.88
N ALA C 78 -7.00 -8.71 -0.19
CA ALA C 78 -6.19 -9.00 -1.36
C ALA C 78 -6.13 -7.81 -2.30
N ILE C 79 -5.19 -7.87 -3.24
CA ILE C 79 -5.01 -6.80 -4.22
C ILE C 79 -5.25 -7.35 -5.61
N ILE C 80 -5.86 -6.54 -6.46
CA ILE C 80 -6.09 -6.92 -7.85
C ILE C 80 -5.55 -5.75 -8.65
N ILE C 81 -4.59 -6.03 -9.53
CA ILE C 81 -4.01 -4.98 -10.35
C ILE C 81 -4.64 -5.01 -11.75
N SER C 82 -5.72 -4.23 -11.91
CA SER C 82 -6.48 -4.12 -13.17
C SER C 82 -5.71 -3.60 -14.37
N CYS C 83 -4.89 -4.46 -14.94
CA CYS C 83 -4.11 -4.15 -16.12
C CYS C 83 -3.65 -5.51 -16.64
N ALA C 84 -4.05 -5.85 -17.86
CA ALA C 84 -3.70 -7.12 -18.49
C ALA C 84 -2.20 -7.33 -18.66
N ALA C 85 -1.40 -6.35 -18.22
CA ALA C 85 0.05 -6.46 -18.35
C ALA C 85 0.71 -6.79 -17.02
N ASP C 86 -0.11 -7.01 -15.98
CA ASP C 86 0.39 -7.35 -14.65
C ASP C 86 1.58 -6.51 -14.24
N PRO C 87 1.44 -5.17 -14.32
CA PRO C 87 2.51 -4.22 -13.95
C PRO C 87 2.84 -4.17 -12.46
N ALA C 88 4.05 -4.64 -12.13
CA ALA C 88 4.55 -4.67 -10.75
C ALA C 88 3.85 -5.70 -9.87
N VAL C 89 3.30 -6.75 -10.46
CA VAL C 89 2.61 -7.78 -9.70
C VAL C 89 3.55 -8.78 -9.02
N GLU C 90 4.71 -9.04 -9.62
CA GLU C 90 5.68 -9.97 -9.02
C GLU C 90 6.38 -9.25 -7.89
N LYS C 91 6.64 -7.96 -8.12
CA LYS C 91 7.29 -7.10 -7.15
C LYS C 91 6.38 -6.86 -5.94
N VAL C 92 5.12 -6.54 -6.21
CA VAL C 92 4.14 -6.28 -5.15
C VAL C 92 3.94 -7.53 -4.30
N ARG C 93 4.00 -8.69 -4.95
CA ARG C 93 3.83 -9.97 -4.26
C ARG C 93 4.89 -10.19 -3.21
N LYS C 94 6.14 -9.87 -3.54
CA LYS C 94 7.26 -10.05 -2.61
C LYS C 94 7.20 -9.08 -1.44
N LEU C 95 6.46 -7.99 -1.60
CA LEU C 95 6.34 -6.99 -0.55
C LEU C 95 5.19 -7.28 0.41
N LEU C 96 4.06 -7.70 -0.14
CA LEU C 96 2.89 -7.97 0.66
C LEU C 96 2.73 -9.45 0.99
N SER C 97 1.98 -9.75 2.04
CA SER C 97 1.72 -11.13 2.46
C SER C 97 0.35 -11.57 1.94
N ILE C 98 -0.51 -10.58 1.67
CA ILE C 98 -1.84 -10.85 1.14
C ILE C 98 -1.73 -11.17 -0.33
N PRO C 99 -2.76 -11.83 -0.89
CA PRO C 99 -2.80 -12.23 -2.31
C PRO C 99 -2.79 -11.07 -3.30
N VAL C 100 -2.01 -11.23 -4.35
CA VAL C 100 -1.93 -10.21 -5.39
C VAL C 100 -2.29 -10.87 -6.72
N ILE C 101 -3.42 -10.44 -7.29
CA ILE C 101 -3.95 -10.95 -8.55
C ILE C 101 -3.72 -9.98 -9.70
N GLY C 102 -3.23 -10.49 -10.82
CA GLY C 102 -3.02 -9.64 -11.99
C GLY C 102 -4.06 -9.96 -13.06
N ALA C 103 -4.59 -8.94 -13.72
CA ALA C 103 -5.60 -9.15 -14.76
C ALA C 103 -5.05 -9.90 -15.97
N GLY C 104 -3.74 -9.78 -16.21
CA GLY C 104 -3.12 -10.45 -17.34
C GLY C 104 -2.90 -11.93 -17.10
N SER C 105 -2.28 -12.27 -15.98
CA SER C 105 -2.05 -13.66 -15.66
C SER C 105 -3.38 -14.39 -15.43
N SER C 106 -4.40 -13.66 -14.99
CA SER C 106 -5.72 -14.24 -14.73
C SER C 106 -6.46 -14.64 -15.98
N VAL C 107 -6.56 -13.70 -16.93
CA VAL C 107 -7.27 -13.97 -18.17
C VAL C 107 -6.58 -15.06 -18.99
N SER C 108 -5.26 -15.01 -19.07
CA SER C 108 -4.51 -15.99 -19.83
C SER C 108 -4.53 -17.36 -19.13
N ALA C 109 -4.56 -17.35 -17.80
CA ALA C 109 -4.60 -18.60 -17.05
C ALA C 109 -5.98 -19.23 -17.18
N LEU C 110 -7.01 -18.42 -17.06
CA LEU C 110 -8.38 -18.92 -17.20
C LEU C 110 -8.65 -19.34 -18.65
N ALA C 111 -7.91 -18.74 -19.59
CA ALA C 111 -8.08 -19.07 -21.00
C ALA C 111 -7.63 -20.51 -21.21
N LEU C 112 -6.47 -20.85 -20.64
CA LEU C 112 -5.91 -22.20 -20.76
C LEU C 112 -6.77 -23.24 -20.05
N ALA C 113 -7.70 -22.79 -19.21
CA ALA C 113 -8.58 -23.70 -18.51
C ALA C 113 -9.79 -23.97 -19.39
N TYR C 114 -9.79 -23.34 -20.57
CA TYR C 114 -10.87 -23.50 -21.53
C TYR C 114 -10.41 -24.17 -22.83
N GLY C 115 -9.11 -24.32 -23.00
CA GLY C 115 -8.58 -24.93 -24.21
C GLY C 115 -7.13 -24.55 -24.42
N ARG C 116 -6.34 -25.43 -25.03
CA ARG C 116 -4.92 -25.16 -25.26
C ARG C 116 -4.66 -24.31 -26.49
N ARG C 117 -5.62 -24.25 -27.39
CA ARG C 117 -5.48 -23.43 -28.61
C ARG C 117 -6.07 -22.07 -28.27
N VAL C 118 -5.21 -21.16 -27.81
CA VAL C 118 -5.64 -19.83 -27.38
C VAL C 118 -5.35 -18.69 -28.36
N GLY C 119 -6.22 -17.68 -28.33
CA GLY C 119 -6.07 -16.52 -29.19
C GLY C 119 -6.24 -15.27 -28.33
N VAL C 120 -5.47 -14.22 -28.64
CA VAL C 120 -5.56 -12.98 -27.89
C VAL C 120 -6.09 -11.85 -28.78
N LEU C 121 -7.16 -11.22 -28.32
CA LEU C 121 -7.77 -10.13 -29.07
C LEU C 121 -7.38 -8.81 -28.42
N ASN C 122 -6.43 -8.10 -29.04
CA ASN C 122 -5.99 -6.82 -28.51
C ASN C 122 -6.79 -5.68 -29.14
N LEU C 123 -6.31 -4.45 -29.01
CA LEU C 123 -7.02 -3.30 -29.55
C LEU C 123 -6.11 -2.36 -30.34
N THR C 124 -5.13 -1.78 -29.65
CA THR C 124 -4.20 -0.85 -30.27
C THR C 124 -2.74 -1.22 -29.98
N GLU C 125 -2.54 -1.96 -28.90
CA GLU C 125 -1.19 -2.37 -28.51
C GLU C 125 -0.93 -3.84 -28.82
N GLU C 126 0.29 -4.27 -28.54
CA GLU C 126 0.71 -5.65 -28.78
C GLU C 126 0.43 -6.47 -27.53
N THR C 127 0.27 -7.77 -27.69
CA THR C 127 -0.01 -8.68 -26.57
C THR C 127 1.01 -8.48 -25.45
N PRO C 128 0.53 -8.25 -24.21
CA PRO C 128 1.42 -8.06 -23.06
C PRO C 128 2.36 -9.25 -22.87
N LYS C 129 3.56 -8.99 -22.38
CA LYS C 129 4.54 -10.06 -22.17
C LYS C 129 4.11 -11.12 -21.17
N VAL C 130 3.29 -10.76 -20.19
CA VAL C 130 2.83 -11.72 -19.20
C VAL C 130 1.95 -12.80 -19.83
N ILE C 131 0.97 -12.35 -20.62
CA ILE C 131 0.07 -13.26 -21.30
C ILE C 131 0.83 -14.10 -22.33
N ARG C 132 1.91 -13.54 -22.87
CA ARG C 132 2.71 -14.27 -23.83
C ARG C 132 3.45 -15.39 -23.15
N SER C 133 4.05 -15.09 -22.00
CA SER C 133 4.81 -16.08 -21.23
C SER C 133 3.95 -17.19 -20.66
N ILE C 134 2.74 -16.86 -20.22
CA ILE C 134 1.84 -17.86 -19.66
C ILE C 134 1.28 -18.77 -20.76
N LEU C 135 0.69 -18.17 -21.80
CA LEU C 135 0.13 -18.97 -22.89
C LEU C 135 1.24 -19.71 -23.63
N GLY C 136 2.39 -19.07 -23.80
CA GLY C 136 3.51 -19.71 -24.47
C GLY C 136 3.17 -20.26 -25.85
N ASN C 137 3.44 -21.55 -26.06
CA ASN C 137 3.16 -22.20 -27.34
C ASN C 137 1.66 -22.43 -27.55
N ASN C 138 0.88 -22.29 -26.49
CA ASN C 138 -0.56 -22.48 -26.60
C ASN C 138 -1.18 -21.28 -27.31
N LEU C 139 -0.43 -20.18 -27.39
CA LEU C 139 -0.90 -18.98 -28.06
C LEU C 139 -0.83 -19.20 -29.57
N ILE C 140 -1.98 -19.57 -30.14
CA ILE C 140 -2.12 -19.87 -31.57
C ILE C 140 -2.09 -18.65 -32.48
N ALA C 141 -2.91 -17.64 -32.15
CA ALA C 141 -2.96 -16.43 -32.93
C ALA C 141 -3.32 -15.25 -32.05
N GLU C 142 -3.09 -14.06 -32.59
CA GLU C 142 -3.39 -12.82 -31.90
C GLU C 142 -3.83 -11.81 -32.96
N ASP C 143 -4.94 -11.12 -32.69
CA ASP C 143 -5.46 -10.15 -33.65
C ASP C 143 -5.91 -8.90 -32.94
N HIS C 144 -6.67 -8.08 -33.64
CA HIS C 144 -7.18 -6.83 -33.08
C HIS C 144 -8.11 -6.14 -34.08
N PRO C 145 -8.99 -5.26 -33.58
CA PRO C 145 -9.92 -4.55 -34.49
C PRO C 145 -9.18 -3.48 -35.29
N SER C 146 -9.14 -3.66 -36.61
CA SER C 146 -8.46 -2.73 -37.50
C SER C 146 -9.26 -1.44 -37.63
N GLY C 147 -8.60 -0.31 -37.34
CA GLY C 147 -9.27 0.97 -37.42
C GLY C 147 -9.66 1.48 -36.05
N VAL C 148 -10.04 0.57 -35.16
CA VAL C 148 -10.44 0.91 -33.80
C VAL C 148 -9.26 1.13 -32.86
N SER C 149 -8.95 2.40 -32.60
CA SER C 149 -7.84 2.77 -31.73
C SER C 149 -8.27 2.82 -30.27
N ASN C 150 -9.47 3.37 -30.05
CA ASN C 150 -10.03 3.52 -28.72
C ASN C 150 -11.10 2.49 -28.40
N THR C 151 -11.47 2.42 -27.12
CA THR C 151 -12.48 1.49 -26.66
C THR C 151 -13.88 1.94 -27.07
N LEU C 152 -14.04 3.24 -27.32
CA LEU C 152 -15.35 3.75 -27.71
C LEU C 152 -15.64 3.59 -29.20
N ASP C 153 -14.61 3.31 -30.00
CA ASP C 153 -14.84 3.10 -31.42
C ASP C 153 -15.58 1.78 -31.60
N LEU C 154 -15.57 0.97 -30.54
CA LEU C 154 -16.26 -0.32 -30.53
C LEU C 154 -17.74 -0.12 -30.31
N LEU C 155 -18.11 1.08 -29.88
CA LEU C 155 -19.50 1.41 -29.63
C LEU C 155 -20.12 2.08 -30.85
N THR C 156 -19.58 1.75 -32.03
CA THR C 156 -20.10 2.29 -33.27
C THR C 156 -20.52 1.10 -34.13
N ASP C 157 -21.39 1.36 -35.10
CA ASP C 157 -21.89 0.30 -35.96
C ASP C 157 -20.74 -0.35 -36.74
N TRP C 158 -19.81 0.48 -37.19
CA TRP C 158 -18.66 -0.02 -37.95
C TRP C 158 -17.60 -0.55 -36.99
N GLY C 159 -17.47 0.12 -35.85
CA GLY C 159 -16.49 -0.28 -34.86
C GLY C 159 -16.76 -1.66 -34.32
N ARG C 160 -18.03 -1.95 -34.02
CA ARG C 160 -18.41 -3.26 -33.49
C ARG C 160 -18.16 -4.34 -34.54
N ARG C 161 -18.45 -4.01 -35.79
CA ARG C 161 -18.25 -4.94 -36.89
C ARG C 161 -16.78 -5.36 -36.94
N GLU C 162 -15.88 -4.37 -36.82
CA GLU C 162 -14.45 -4.64 -36.88
C GLU C 162 -13.89 -5.61 -35.85
N VAL C 163 -14.35 -5.50 -34.61
CA VAL C 163 -13.86 -6.36 -33.53
C VAL C 163 -14.43 -7.78 -33.63
N ILE C 164 -15.69 -7.90 -34.05
CA ILE C 164 -16.30 -9.21 -34.20
C ILE C 164 -15.59 -9.93 -35.33
N ASN C 165 -15.06 -9.16 -36.28
CA ASN C 165 -14.34 -9.74 -37.40
C ASN C 165 -12.95 -10.20 -36.98
N ALA C 166 -12.29 -9.40 -36.15
CA ALA C 166 -10.94 -9.76 -35.69
C ALA C 166 -11.01 -11.01 -34.82
N ALA C 167 -12.19 -11.21 -34.22
CA ALA C 167 -12.41 -12.38 -33.39
C ALA C 167 -12.59 -13.58 -34.31
N LYS C 168 -13.19 -13.33 -35.47
CA LYS C 168 -13.40 -14.39 -36.46
C LYS C 168 -12.04 -14.80 -37.00
N ARG C 169 -11.18 -13.83 -37.26
CA ARG C 169 -9.85 -14.10 -37.78
C ARG C 169 -9.08 -15.09 -36.90
N LEU C 170 -9.24 -14.99 -35.58
CA LEU C 170 -8.55 -15.90 -34.68
C LEU C 170 -9.17 -17.30 -34.79
N LYS C 171 -10.48 -17.35 -34.94
CA LYS C 171 -11.20 -18.62 -35.05
C LYS C 171 -10.92 -19.30 -36.39
N GLU C 172 -10.72 -18.50 -37.43
CA GLU C 172 -10.44 -19.04 -38.77
C GLU C 172 -9.04 -19.64 -38.80
N LYS C 173 -8.23 -19.28 -37.80
CA LYS C 173 -6.88 -19.79 -37.69
C LYS C 173 -6.79 -20.99 -36.73
N GLY C 174 -7.91 -21.34 -36.11
CA GLY C 174 -7.92 -22.48 -35.21
C GLY C 174 -8.13 -22.20 -33.74
N VAL C 175 -8.19 -20.92 -33.36
CA VAL C 175 -8.39 -20.53 -31.97
C VAL C 175 -9.66 -21.17 -31.40
N GLU C 176 -9.52 -21.77 -30.20
CA GLU C 176 -10.64 -22.43 -29.52
C GLU C 176 -11.23 -21.54 -28.41
N VAL C 177 -10.40 -20.64 -27.90
CA VAL C 177 -10.80 -19.71 -26.84
C VAL C 177 -10.05 -18.40 -27.04
N ILE C 178 -10.73 -17.29 -26.78
CA ILE C 178 -10.13 -15.98 -26.96
C ILE C 178 -9.97 -15.26 -25.63
N ALA C 179 -8.77 -14.72 -25.41
CA ALA C 179 -8.47 -13.95 -24.21
C ALA C 179 -8.37 -12.49 -24.65
N LEU C 180 -9.17 -11.62 -24.02
CA LEU C 180 -9.14 -10.20 -24.36
C LEU C 180 -7.87 -9.59 -23.76
N GLY C 181 -7.10 -8.89 -24.58
CA GLY C 181 -5.86 -8.29 -24.13
C GLY C 181 -5.99 -6.98 -23.36
N CYS C 182 -7.16 -6.37 -23.40
CA CYS C 182 -7.38 -5.09 -22.71
C CYS C 182 -8.44 -5.20 -21.63
N THR C 183 -8.28 -4.40 -20.57
CA THR C 183 -9.26 -4.38 -19.51
C THR C 183 -10.30 -3.34 -19.96
N GLY C 184 -9.99 -2.70 -21.09
CA GLY C 184 -10.88 -1.68 -21.64
C GLY C 184 -12.10 -2.26 -22.36
N MET C 185 -11.90 -3.37 -23.06
CA MET C 185 -12.99 -4.03 -23.77
C MET C 185 -13.93 -4.63 -22.74
N SER C 186 -13.49 -4.61 -21.48
CA SER C 186 -14.25 -5.17 -20.37
C SER C 186 -15.36 -4.25 -19.89
N THR C 187 -15.02 -2.97 -19.75
CA THR C 187 -15.96 -1.96 -19.27
C THR C 187 -17.16 -1.76 -20.21
N ILE C 188 -17.00 -2.15 -21.47
CA ILE C 188 -18.08 -2.02 -22.45
C ILE C 188 -18.70 -3.38 -22.81
N GLY C 189 -18.36 -4.41 -22.03
CA GLY C 189 -18.89 -5.74 -22.26
C GLY C 189 -18.88 -6.28 -23.68
N ILE C 190 -17.69 -6.39 -24.27
CA ILE C 190 -17.57 -6.87 -25.64
C ILE C 190 -17.47 -8.40 -25.71
N ALA C 191 -16.97 -9.03 -24.65
CA ALA C 191 -16.81 -10.48 -24.62
C ALA C 191 -18.09 -11.25 -24.98
N PRO C 192 -19.22 -10.92 -24.34
CA PRO C 192 -20.45 -11.66 -24.65
C PRO C 192 -20.84 -11.51 -26.13
N VAL C 193 -20.75 -10.29 -26.63
CA VAL C 193 -21.10 -9.99 -28.02
C VAL C 193 -20.31 -10.87 -28.97
N LEU C 194 -19.04 -11.07 -28.66
CA LEU C 194 -18.13 -11.89 -29.48
C LEU C 194 -18.30 -13.39 -29.21
N GLU C 195 -18.50 -13.76 -27.94
CA GLU C 195 -18.67 -15.17 -27.58
C GLU C 195 -20.01 -15.68 -28.08
N GLU C 196 -20.73 -14.81 -28.77
CA GLU C 196 -22.04 -15.15 -29.32
C GLU C 196 -21.91 -15.23 -30.84
N GLU C 197 -21.01 -14.43 -31.39
CA GLU C 197 -20.78 -14.39 -32.83
C GLU C 197 -19.86 -15.50 -33.32
N VAL C 198 -18.82 -15.81 -32.55
CA VAL C 198 -17.87 -16.85 -32.94
C VAL C 198 -18.04 -18.19 -32.23
N GLY C 199 -19.08 -18.31 -31.41
CA GLY C 199 -19.33 -19.56 -30.70
C GLY C 199 -18.21 -20.17 -29.86
N ILE C 200 -17.29 -19.35 -29.36
CA ILE C 200 -16.22 -19.88 -28.52
C ILE C 200 -15.95 -18.94 -27.35
N PRO C 201 -15.62 -19.51 -26.19
CA PRO C 201 -15.33 -18.74 -24.98
C PRO C 201 -14.45 -17.51 -25.20
N VAL C 202 -14.95 -16.38 -24.73
CA VAL C 202 -14.22 -15.13 -24.79
C VAL C 202 -14.06 -14.78 -23.31
N ILE C 203 -12.81 -14.82 -22.86
CA ILE C 203 -12.46 -14.56 -21.47
C ILE C 203 -12.15 -13.10 -21.17
N ASP C 204 -12.96 -12.51 -20.29
CA ASP C 204 -12.79 -11.14 -19.85
C ASP C 204 -11.75 -11.11 -18.72
N PRO C 205 -10.70 -10.27 -18.87
CA PRO C 205 -9.65 -10.15 -17.86
C PRO C 205 -10.09 -9.60 -16.51
N VAL C 206 -11.09 -8.73 -16.51
CA VAL C 206 -11.58 -8.16 -15.27
C VAL C 206 -12.36 -9.22 -14.50
N ILE C 207 -13.22 -9.96 -15.19
CA ILE C 207 -13.98 -11.02 -14.52
C ILE C 207 -13.00 -12.10 -14.10
N ALA C 208 -12.04 -12.41 -14.99
CA ALA C 208 -11.03 -13.42 -14.70
C ALA C 208 -10.36 -13.13 -13.37
N SER C 209 -9.90 -11.88 -13.19
CA SER C 209 -9.22 -11.47 -11.96
C SER C 209 -10.09 -11.65 -10.72
N GLY C 210 -11.35 -11.24 -10.81
CA GLY C 210 -12.25 -11.37 -9.69
C GLY C 210 -12.39 -12.83 -9.33
N ALA C 211 -12.26 -13.69 -10.33
CA ALA C 211 -12.37 -15.12 -10.13
C ALA C 211 -11.14 -15.69 -9.43
N VAL C 212 -9.95 -15.24 -9.84
CA VAL C 212 -8.70 -15.70 -9.22
C VAL C 212 -8.60 -15.19 -7.79
N ALA C 213 -9.13 -13.99 -7.57
CA ALA C 213 -9.14 -13.34 -6.27
C ALA C 213 -10.00 -14.14 -5.28
N LEU C 214 -11.15 -14.61 -5.72
CA LEU C 214 -12.01 -15.39 -4.85
C LEU C 214 -11.35 -16.73 -4.48
N HIS C 215 -10.70 -17.35 -5.46
CA HIS C 215 -10.01 -18.63 -5.26
C HIS C 215 -8.88 -18.47 -4.24
N ALA C 216 -8.15 -17.36 -4.36
CA ALA C 216 -7.04 -17.05 -3.48
C ALA C 216 -7.53 -17.00 -2.04
N LEU C 217 -8.71 -16.43 -1.83
CA LEU C 217 -9.27 -16.31 -0.50
C LEU C 217 -9.88 -17.60 0.01
N LYS C 218 -10.75 -18.20 -0.80
CA LYS C 218 -11.43 -19.43 -0.41
C LYS C 218 -10.56 -20.68 -0.41
N ARG C 219 -9.56 -20.75 -1.28
CA ARG C 219 -8.68 -21.93 -1.35
C ARG C 219 -7.95 -22.16 -0.04
N ARG C 220 -7.73 -21.08 0.71
CA ARG C 220 -7.05 -21.15 2.01
C ARG C 220 -8.05 -21.13 3.16
N LYS D 6 -28.17 -20.38 -6.70
CA LYS D 6 -27.08 -21.40 -6.70
C LYS D 6 -27.07 -22.16 -8.01
N TYR D 7 -25.90 -22.71 -8.37
CA TYR D 7 -25.76 -23.49 -9.61
C TYR D 7 -25.63 -24.96 -9.28
N THR D 8 -25.94 -25.82 -10.25
CA THR D 8 -25.85 -27.27 -10.07
C THR D 8 -24.72 -27.86 -10.89
N ILE D 9 -23.79 -28.51 -10.21
CA ILE D 9 -22.64 -29.09 -10.88
C ILE D 9 -22.72 -30.62 -10.87
N GLY D 10 -22.34 -31.22 -11.99
CA GLY D 10 -22.31 -32.65 -12.09
C GLY D 10 -20.84 -33.01 -11.92
N LEU D 11 -20.48 -33.48 -10.74
CA LEU D 11 -19.09 -33.87 -10.46
C LEU D 11 -18.92 -35.36 -10.71
N ILE D 12 -17.99 -35.69 -11.60
CA ILE D 12 -17.70 -37.08 -11.95
C ILE D 12 -16.46 -37.62 -11.25
N ARG D 13 -16.65 -38.63 -10.41
CA ARG D 13 -15.55 -39.26 -9.69
C ARG D 13 -14.98 -40.38 -10.56
N VAL D 14 -13.67 -40.37 -10.76
CA VAL D 14 -13.04 -41.40 -11.59
C VAL D 14 -12.70 -42.71 -10.87
N ILE D 15 -13.08 -42.80 -9.59
CA ILE D 15 -12.85 -44.00 -8.80
C ILE D 15 -14.21 -44.50 -8.32
N THR D 16 -14.53 -45.76 -8.60
CA THR D 16 -15.82 -46.30 -8.18
C THR D 16 -15.89 -46.40 -6.67
N LEU D 17 -16.75 -45.55 -6.09
CA LEU D 17 -16.94 -45.50 -4.65
C LEU D 17 -18.37 -45.91 -4.31
N GLU D 18 -18.52 -46.70 -3.25
CA GLU D 18 -19.81 -47.20 -2.81
C GLU D 18 -20.37 -46.37 -1.65
N ASP D 19 -19.51 -46.05 -0.69
CA ASP D 19 -19.91 -45.25 0.48
C ASP D 19 -20.35 -43.88 -0.02
N LYS D 20 -21.59 -43.48 0.30
CA LYS D 20 -22.10 -42.18 -0.14
C LYS D 20 -21.30 -41.02 0.43
N GLU D 21 -20.94 -41.15 1.70
CA GLU D 21 -20.15 -40.13 2.39
C GLU D 21 -18.90 -39.87 1.57
N ILE D 22 -18.08 -40.91 1.44
CA ILE D 22 -16.83 -40.87 0.71
C ILE D 22 -16.99 -40.37 -0.72
N LEU D 23 -18.10 -40.69 -1.36
CA LEU D 23 -18.35 -40.26 -2.74
C LEU D 23 -18.45 -38.74 -2.93
N ASN D 24 -19.41 -38.12 -2.24
CA ASN D 24 -19.65 -36.69 -2.34
C ASN D 24 -18.50 -35.84 -1.79
N LEU D 25 -17.46 -36.51 -1.31
CA LEU D 25 -16.29 -35.89 -0.71
C LEU D 25 -15.78 -34.62 -1.43
N HIS D 26 -15.53 -34.72 -2.74
CA HIS D 26 -15.06 -33.55 -3.48
C HIS D 26 -16.15 -32.49 -3.61
N GLY D 27 -17.40 -32.93 -3.61
CA GLY D 27 -18.53 -32.02 -3.71
C GLY D 27 -18.64 -31.13 -2.48
N ARG D 28 -18.41 -31.72 -1.31
CA ARG D 28 -18.47 -30.96 -0.06
C ARG D 28 -17.33 -29.96 -0.04
N ILE D 29 -16.21 -30.33 -0.64
CA ILE D 29 -15.05 -29.44 -0.69
C ILE D 29 -15.46 -28.23 -1.50
N ILE D 30 -15.79 -28.46 -2.76
CA ILE D 30 -16.19 -27.38 -3.66
C ILE D 30 -17.36 -26.57 -3.10
N GLU D 31 -18.35 -27.28 -2.56
CA GLU D 31 -19.52 -26.63 -1.99
C GLU D 31 -19.12 -25.77 -0.81
N SER D 32 -18.00 -26.12 -0.19
CA SER D 32 -17.50 -25.38 0.97
C SER D 32 -16.80 -24.08 0.57
N ALA D 33 -15.93 -24.14 -0.42
CA ALA D 33 -15.21 -22.96 -0.88
C ALA D 33 -16.10 -22.04 -1.71
N PHE D 34 -17.09 -22.61 -2.40
CA PHE D 34 -17.97 -21.82 -3.24
C PHE D 34 -19.41 -22.25 -3.01
N PRO D 35 -20.12 -21.56 -2.09
CA PRO D 35 -21.51 -21.81 -1.69
C PRO D 35 -22.59 -21.55 -2.75
N GLU D 36 -22.20 -20.85 -3.82
CA GLU D 36 -23.11 -20.54 -4.91
C GLU D 36 -23.29 -21.80 -5.74
N LEU D 37 -22.58 -22.85 -5.35
CA LEU D 37 -22.64 -24.11 -6.07
C LEU D 37 -23.20 -25.30 -5.26
N LYS D 38 -24.06 -26.08 -5.89
CA LYS D 38 -24.64 -27.29 -5.28
C LYS D 38 -24.06 -28.41 -6.13
N VAL D 39 -23.18 -29.21 -5.54
CA VAL D 39 -22.54 -30.26 -6.31
C VAL D 39 -23.15 -31.64 -6.15
N VAL D 40 -23.42 -32.27 -7.29
CA VAL D 40 -23.97 -33.61 -7.33
C VAL D 40 -22.87 -34.51 -7.86
N SER D 41 -22.42 -35.45 -7.04
CA SER D 41 -21.35 -36.36 -7.42
C SER D 41 -21.81 -37.78 -7.75
N ARG D 42 -21.12 -38.38 -8.71
CA ARG D 42 -21.39 -39.75 -9.13
C ARG D 42 -20.12 -40.33 -9.73
N CYS D 43 -19.72 -41.50 -9.25
CA CYS D 43 -18.51 -42.15 -9.72
C CYS D 43 -18.81 -43.10 -10.87
N ILE D 44 -17.78 -43.46 -11.62
CA ILE D 44 -17.94 -44.37 -12.74
C ILE D 44 -17.81 -45.79 -12.21
N GLU D 45 -18.33 -46.76 -12.96
CA GLU D 45 -18.29 -48.17 -12.55
C GLU D 45 -17.05 -48.90 -13.06
N ASP D 46 -16.70 -49.99 -12.37
CA ASP D 46 -15.53 -50.80 -12.71
C ASP D 46 -14.23 -50.00 -12.73
N GLN D 47 -14.04 -49.17 -11.73
CA GLN D 47 -12.84 -48.34 -11.62
C GLN D 47 -12.54 -48.16 -10.13
N PRO D 48 -12.32 -49.27 -9.40
CA PRO D 48 -12.03 -49.24 -7.97
C PRO D 48 -10.71 -48.54 -7.66
N LYS D 49 -9.76 -48.73 -8.56
CA LYS D 49 -8.43 -48.15 -8.45
C LYS D 49 -8.31 -46.92 -9.34
N GLY D 50 -9.44 -46.25 -9.54
CA GLY D 50 -9.48 -45.06 -10.37
C GLY D 50 -8.63 -45.20 -11.60
N ILE D 51 -7.99 -44.10 -11.99
CA ILE D 51 -7.12 -44.10 -13.16
C ILE D 51 -5.67 -44.08 -12.67
N TYR D 52 -4.89 -45.09 -13.05
CA TYR D 52 -3.49 -45.17 -12.65
C TYR D 52 -2.52 -45.36 -13.82
N ASN D 53 -3.03 -45.77 -14.98
CA ASN D 53 -2.19 -45.95 -16.15
C ASN D 53 -2.93 -45.53 -17.41
N GLU D 54 -2.36 -45.85 -18.57
CA GLU D 54 -2.98 -45.48 -19.84
C GLU D 54 -4.27 -46.27 -20.02
N GLU D 55 -4.19 -47.59 -19.89
CA GLU D 55 -5.36 -48.43 -20.06
C GLU D 55 -6.51 -48.10 -19.12
N THR D 56 -6.21 -47.75 -17.88
CA THR D 56 -7.25 -47.40 -16.92
C THR D 56 -7.88 -46.08 -17.35
N GLU D 57 -7.15 -45.32 -18.16
CA GLU D 57 -7.61 -44.05 -18.70
C GLU D 57 -8.47 -44.34 -19.92
N ARG D 58 -7.99 -45.22 -20.79
CA ARG D 58 -8.70 -45.62 -21.99
C ARG D 58 -10.00 -46.30 -21.57
N GLU D 59 -9.99 -46.86 -20.38
CA GLU D 59 -11.14 -47.56 -19.83
C GLU D 59 -12.18 -46.61 -19.20
N ALA D 60 -11.71 -45.66 -18.38
CA ALA D 60 -12.60 -44.72 -17.72
C ALA D 60 -13.26 -43.69 -18.64
N GLU D 61 -12.58 -43.34 -19.74
CA GLU D 61 -13.11 -42.36 -20.67
C GLU D 61 -14.54 -42.59 -21.15
N PRO D 62 -14.80 -43.76 -21.79
CA PRO D 62 -16.16 -44.01 -22.25
C PRO D 62 -17.18 -43.97 -21.11
N LYS D 63 -16.74 -44.42 -19.92
CA LYS D 63 -17.60 -44.41 -18.74
C LYS D 63 -17.90 -42.97 -18.36
N ILE D 64 -16.85 -42.15 -18.37
CA ILE D 64 -16.95 -40.74 -18.03
C ILE D 64 -17.95 -40.03 -18.94
N ILE D 65 -17.83 -40.27 -20.24
CA ILE D 65 -18.71 -39.65 -21.23
C ILE D 65 -20.19 -39.96 -20.97
N ARG D 66 -20.49 -41.21 -20.66
CA ARG D 66 -21.86 -41.61 -20.38
C ARG D 66 -22.40 -40.78 -19.22
N LEU D 67 -21.76 -40.90 -18.07
CA LEU D 67 -22.15 -40.18 -16.86
C LEU D 67 -22.30 -38.68 -17.12
N ALA D 68 -21.36 -38.12 -17.88
CA ALA D 68 -21.41 -36.70 -18.21
C ALA D 68 -22.71 -36.42 -18.94
N LYS D 69 -23.07 -37.30 -19.88
CA LYS D 69 -24.31 -37.13 -20.62
C LYS D 69 -25.48 -37.39 -19.68
N GLU D 70 -25.26 -38.23 -18.68
CA GLU D 70 -26.29 -38.53 -17.68
C GLU D 70 -26.56 -37.21 -16.95
N PHE D 71 -25.49 -36.49 -16.64
CA PHE D 71 -25.59 -35.21 -15.93
C PHE D 71 -26.29 -34.12 -16.76
N GLU D 72 -25.97 -34.07 -18.06
CA GLU D 72 -26.56 -33.08 -18.95
C GLU D 72 -28.08 -33.28 -19.08
N ARG D 73 -28.53 -34.54 -19.06
CA ARG D 73 -29.96 -34.85 -19.16
C ARG D 73 -30.69 -34.44 -17.88
N GLU D 74 -29.99 -34.59 -16.75
CA GLU D 74 -30.53 -34.23 -15.44
C GLU D 74 -30.94 -32.77 -15.41
N GLY D 75 -30.08 -31.92 -15.96
CA GLY D 75 -30.34 -30.49 -15.97
C GLY D 75 -29.26 -29.71 -15.23
N VAL D 76 -28.05 -30.28 -15.16
CA VAL D 76 -26.92 -29.63 -14.48
C VAL D 76 -26.43 -28.42 -15.26
N ASP D 77 -25.89 -27.44 -14.54
CA ASP D 77 -25.38 -26.22 -15.16
C ASP D 77 -24.01 -26.40 -15.81
N ALA D 78 -23.20 -27.26 -15.21
CA ALA D 78 -21.86 -27.52 -15.73
C ALA D 78 -21.38 -28.85 -15.20
N ILE D 79 -20.31 -29.37 -15.81
CA ILE D 79 -19.74 -30.65 -15.42
C ILE D 79 -18.32 -30.48 -14.89
N ILE D 80 -17.94 -31.35 -13.97
CA ILE D 80 -16.60 -31.33 -13.39
C ILE D 80 -16.10 -32.76 -13.29
N ILE D 81 -15.05 -33.05 -14.04
CA ILE D 81 -14.42 -34.36 -14.04
C ILE D 81 -13.25 -34.27 -13.04
N SER D 82 -13.47 -34.78 -11.83
CA SER D 82 -12.45 -34.75 -10.78
C SER D 82 -11.32 -35.72 -11.08
N CYS D 83 -10.40 -35.29 -11.93
CA CYS D 83 -9.25 -36.08 -12.31
C CYS D 83 -8.28 -35.16 -13.02
N ALA D 84 -7.18 -34.87 -12.32
CA ALA D 84 -6.15 -33.97 -12.83
C ALA D 84 -5.55 -34.33 -14.19
N ALA D 85 -6.00 -35.43 -14.80
CA ALA D 85 -5.48 -35.82 -16.11
C ALA D 85 -6.41 -35.37 -17.22
N ASP D 86 -7.56 -34.81 -16.83
CA ASP D 86 -8.57 -34.34 -17.78
C ASP D 86 -9.05 -35.52 -18.62
N PRO D 87 -9.46 -36.62 -17.96
CA PRO D 87 -9.94 -37.79 -18.67
C PRO D 87 -11.21 -37.54 -19.48
N ALA D 88 -11.06 -37.46 -20.80
CA ALA D 88 -12.19 -37.24 -21.71
C ALA D 88 -12.83 -35.85 -21.61
N VAL D 89 -12.12 -34.89 -21.05
CA VAL D 89 -12.66 -33.54 -20.90
C VAL D 89 -12.86 -32.89 -22.28
N GLU D 90 -11.80 -32.96 -23.10
CA GLU D 90 -11.84 -32.40 -24.44
C GLU D 90 -12.96 -33.03 -25.27
N LYS D 91 -13.13 -34.32 -25.11
CA LYS D 91 -14.16 -35.04 -25.85
C LYS D 91 -15.57 -34.76 -25.33
N VAL D 92 -15.68 -34.47 -24.04
CA VAL D 92 -16.99 -34.18 -23.43
C VAL D 92 -17.40 -32.76 -23.81
N ARG D 93 -16.44 -31.85 -23.88
CA ARG D 93 -16.75 -30.48 -24.25
C ARG D 93 -17.36 -30.50 -25.63
N LYS D 94 -16.72 -31.24 -26.53
CA LYS D 94 -17.18 -31.37 -27.92
C LYS D 94 -18.54 -32.04 -28.06
N LEU D 95 -19.19 -32.33 -26.93
CA LEU D 95 -20.49 -32.99 -26.95
C LEU D 95 -21.55 -32.17 -26.22
N LEU D 96 -21.28 -31.88 -24.94
CA LEU D 96 -22.20 -31.13 -24.09
C LEU D 96 -22.22 -29.62 -24.37
N SER D 97 -23.37 -29.01 -24.07
CA SER D 97 -23.60 -27.58 -24.27
C SER D 97 -23.11 -26.81 -23.06
N ILE D 98 -23.18 -27.46 -21.91
CA ILE D 98 -22.78 -26.87 -20.63
C ILE D 98 -21.27 -26.88 -20.46
N PRO D 99 -20.74 -26.01 -19.58
CA PRO D 99 -19.30 -25.99 -19.37
C PRO D 99 -18.84 -27.29 -18.74
N VAL D 100 -17.68 -27.76 -19.17
CA VAL D 100 -17.10 -28.98 -18.62
C VAL D 100 -15.73 -28.56 -18.12
N ILE D 101 -15.52 -28.70 -16.82
CA ILE D 101 -14.28 -28.32 -16.18
C ILE D 101 -13.38 -29.51 -15.96
N GLY D 102 -12.10 -29.35 -16.30
CA GLY D 102 -11.12 -30.40 -16.09
C GLY D 102 -10.27 -30.04 -14.88
N ALA D 103 -10.33 -30.85 -13.83
CA ALA D 103 -9.56 -30.58 -12.62
C ALA D 103 -8.07 -30.48 -12.88
N GLY D 104 -7.61 -31.08 -13.98
CA GLY D 104 -6.19 -31.03 -14.31
C GLY D 104 -5.77 -29.76 -15.03
N SER D 105 -6.68 -29.19 -15.81
CA SER D 105 -6.41 -27.96 -16.53
C SER D 105 -6.73 -26.77 -15.63
N SER D 106 -7.44 -27.03 -14.54
CA SER D 106 -7.81 -25.98 -13.60
C SER D 106 -6.70 -25.78 -12.57
N VAL D 107 -6.18 -26.88 -12.03
CA VAL D 107 -5.11 -26.81 -11.03
C VAL D 107 -3.83 -26.26 -11.66
N SER D 108 -3.60 -26.57 -12.94
CA SER D 108 -2.40 -26.08 -13.60
C SER D 108 -2.58 -24.67 -14.17
N ALA D 109 -3.82 -24.32 -14.54
CA ALA D 109 -4.10 -23.00 -15.07
C ALA D 109 -4.13 -22.00 -13.92
N LEU D 110 -4.57 -22.45 -12.76
CA LEU D 110 -4.63 -21.56 -11.61
C LEU D 110 -3.29 -21.48 -10.86
N ALA D 111 -2.41 -22.45 -11.08
CA ALA D 111 -1.09 -22.43 -10.45
C ALA D 111 -0.29 -21.29 -11.10
N LEU D 112 -0.51 -21.10 -12.39
CA LEU D 112 0.16 -20.07 -13.17
C LEU D 112 -0.22 -18.65 -12.75
N ALA D 113 -1.40 -18.49 -12.16
CA ALA D 113 -1.86 -17.18 -11.70
C ALA D 113 -1.25 -16.85 -10.35
N TYR D 114 -0.31 -17.68 -9.91
CA TYR D 114 0.37 -17.48 -8.63
C TYR D 114 1.88 -17.33 -8.78
N GLY D 115 2.43 -17.81 -9.90
CA GLY D 115 3.85 -17.71 -10.12
C GLY D 115 4.28 -18.28 -11.46
N ARG D 116 5.44 -17.85 -11.94
CA ARG D 116 5.98 -18.30 -13.21
C ARG D 116 6.66 -19.65 -13.08
N ARG D 117 7.31 -19.87 -11.94
CA ARG D 117 7.97 -21.13 -11.70
C ARG D 117 7.07 -22.08 -10.94
N VAL D 118 6.43 -22.98 -11.69
CA VAL D 118 5.50 -23.94 -11.15
C VAL D 118 6.09 -25.34 -11.01
N GLY D 119 5.79 -25.98 -9.90
CA GLY D 119 6.26 -27.33 -9.64
C GLY D 119 5.04 -28.22 -9.53
N VAL D 120 5.14 -29.45 -10.03
CA VAL D 120 4.05 -30.40 -10.00
C VAL D 120 4.32 -31.52 -9.00
N LEU D 121 3.38 -31.76 -8.09
CA LEU D 121 3.54 -32.83 -7.12
C LEU D 121 2.55 -33.95 -7.46
N ASN D 122 2.96 -34.80 -8.40
CA ASN D 122 2.12 -35.92 -8.85
C ASN D 122 2.15 -37.09 -7.86
N GLU D 126 2.77 -40.30 -13.05
CA GLU D 126 3.68 -39.27 -13.53
C GLU D 126 2.98 -37.93 -13.77
N THR D 127 3.48 -37.13 -14.72
CA THR D 127 2.86 -35.83 -15.00
C THR D 127 1.84 -35.88 -16.12
N PRO D 128 0.58 -35.56 -15.80
CA PRO D 128 -0.53 -35.56 -16.75
C PRO D 128 -0.17 -34.78 -18.01
N LYS D 129 -0.72 -35.22 -19.14
CA LYS D 129 -0.47 -34.57 -20.41
C LYS D 129 -0.97 -33.13 -20.40
N VAL D 130 -2.19 -32.94 -19.90
CA VAL D 130 -2.81 -31.62 -19.84
C VAL D 130 -1.98 -30.63 -19.03
N ILE D 131 -1.37 -31.13 -17.95
CA ILE D 131 -0.52 -30.30 -17.09
C ILE D 131 0.76 -29.87 -17.80
N ARG D 132 1.46 -30.81 -18.41
CA ARG D 132 2.69 -30.47 -19.12
C ARG D 132 2.42 -29.47 -20.23
N SER D 133 1.29 -29.63 -20.91
CA SER D 133 0.90 -28.74 -22.01
C SER D 133 0.57 -27.35 -21.51
N ILE D 134 -0.29 -27.27 -20.50
CA ILE D 134 -0.71 -26.00 -19.92
C ILE D 134 0.45 -25.20 -19.31
N LEU D 135 1.17 -25.80 -18.36
CA LEU D 135 2.30 -25.12 -17.74
C LEU D 135 3.41 -24.88 -18.75
N GLY D 136 3.60 -25.85 -19.65
CA GLY D 136 4.62 -25.74 -20.67
C GLY D 136 6.01 -25.41 -20.16
N ASN D 137 6.45 -24.20 -20.45
CA ASN D 137 7.76 -23.70 -20.04
C ASN D 137 7.85 -23.40 -18.55
N ASN D 138 6.72 -23.01 -17.98
CA ASN D 138 6.65 -22.65 -16.58
C ASN D 138 6.69 -23.81 -15.60
N LEU D 139 6.89 -25.02 -16.12
CA LEU D 139 6.98 -26.19 -15.26
C LEU D 139 8.45 -26.41 -14.92
N ILE D 140 8.87 -25.87 -13.78
CA ILE D 140 10.24 -25.94 -13.30
C ILE D 140 10.72 -27.31 -12.82
N ALA D 141 9.79 -28.13 -12.32
CA ALA D 141 10.16 -29.45 -11.83
C ALA D 141 8.93 -30.19 -11.29
N GLU D 142 9.04 -31.50 -11.15
CA GLU D 142 7.95 -32.31 -10.63
C GLU D 142 8.51 -33.43 -9.75
N ASP D 143 7.78 -33.75 -8.69
CA ASP D 143 8.19 -34.79 -7.77
C ASP D 143 6.98 -35.64 -7.36
N HIS D 144 7.26 -36.75 -6.70
CA HIS D 144 6.23 -37.67 -6.23
C HIS D 144 6.62 -38.21 -4.86
N PRO D 145 5.64 -38.60 -4.04
CA PRO D 145 5.87 -39.13 -2.69
C PRO D 145 6.56 -40.51 -2.63
N SER D 146 7.56 -40.71 -3.48
CA SER D 146 8.31 -41.97 -3.52
C SER D 146 7.39 -43.20 -3.48
N GLY D 159 4.12 -43.64 4.66
CA GLY D 159 3.62 -42.54 5.47
C GLY D 159 3.37 -41.29 4.67
N ARG D 160 2.70 -40.31 5.29
CA ARG D 160 2.42 -39.04 4.61
C ARG D 160 3.68 -38.27 4.31
N ARG D 161 4.65 -38.35 5.21
CA ARG D 161 5.92 -37.64 5.06
C ARG D 161 6.41 -37.68 3.62
N GLU D 162 6.03 -38.73 2.89
CA GLU D 162 6.43 -38.89 1.49
C GLU D 162 6.09 -37.68 0.62
N VAL D 163 4.81 -37.49 0.34
CA VAL D 163 4.36 -36.36 -0.46
C VAL D 163 4.93 -35.09 0.16
N ILE D 164 4.99 -35.09 1.49
CA ILE D 164 5.53 -33.95 2.22
C ILE D 164 6.94 -33.70 1.72
N ASN D 165 7.73 -34.78 1.68
CA ASN D 165 9.12 -34.71 1.22
C ASN D 165 9.23 -34.38 -0.24
N ALA D 166 8.34 -34.94 -1.05
CA ALA D 166 8.34 -34.67 -2.49
C ALA D 166 8.01 -33.20 -2.68
N ALA D 167 7.34 -32.63 -1.68
CA ALA D 167 6.95 -31.21 -1.71
C ALA D 167 8.16 -30.36 -1.36
N LYS D 168 8.89 -30.78 -0.33
CA LYS D 168 10.09 -30.08 0.11
C LYS D 168 11.15 -30.23 -0.99
N ARG D 169 11.16 -31.39 -1.65
CA ARG D 169 12.12 -31.63 -2.74
C ARG D 169 11.80 -30.69 -3.89
N LEU D 170 10.51 -30.36 -4.06
CA LEU D 170 10.08 -29.45 -5.12
C LEU D 170 10.49 -28.02 -4.75
N LYS D 171 10.26 -27.65 -3.49
CA LYS D 171 10.61 -26.32 -2.97
C LYS D 171 12.11 -26.10 -3.07
N GLU D 172 12.86 -27.16 -2.78
CA GLU D 172 14.31 -27.13 -2.83
C GLU D 172 14.78 -26.81 -4.24
N LYS D 173 14.00 -27.23 -5.24
CA LYS D 173 14.34 -27.00 -6.65
C LYS D 173 14.00 -25.63 -7.21
N GLY D 174 13.54 -24.72 -6.35
CA GLY D 174 13.22 -23.38 -6.79
C GLY D 174 11.84 -23.12 -7.37
N VAL D 175 10.83 -23.85 -6.90
CA VAL D 175 9.46 -23.66 -7.37
C VAL D 175 8.72 -22.66 -6.49
N GLU D 176 8.15 -21.64 -7.12
CA GLU D 176 7.40 -20.61 -6.42
C GLU D 176 6.05 -21.13 -5.96
N VAL D 177 5.42 -21.92 -6.83
CA VAL D 177 4.10 -22.50 -6.57
C VAL D 177 4.06 -24.00 -6.86
N ILE D 178 3.26 -24.74 -6.10
CA ILE D 178 3.13 -26.18 -6.29
C ILE D 178 1.66 -26.58 -6.58
N ALA D 179 1.48 -27.25 -7.72
CA ALA D 179 0.17 -27.73 -8.15
C ALA D 179 0.08 -29.22 -7.88
N LEU D 180 -0.83 -29.62 -7.01
CA LEU D 180 -1.00 -31.02 -6.69
C LEU D 180 -1.61 -31.73 -7.91
N GLY D 181 -0.80 -32.53 -8.59
CA GLY D 181 -1.26 -33.21 -9.79
C GLY D 181 -2.07 -34.48 -9.64
N CYS D 182 -2.98 -34.47 -8.68
CA CYS D 182 -3.84 -35.62 -8.41
C CYS D 182 -4.90 -35.27 -7.37
N THR D 183 -6.18 -35.38 -7.76
CA THR D 183 -7.27 -35.07 -6.83
C THR D 183 -7.25 -36.08 -5.68
N GLY D 184 -6.41 -37.10 -5.79
CA GLY D 184 -6.29 -38.10 -4.74
C GLY D 184 -5.66 -37.44 -3.53
N MET D 185 -5.24 -36.19 -3.71
CA MET D 185 -4.62 -35.40 -2.66
C MET D 185 -5.60 -34.41 -2.04
N SER D 186 -6.56 -33.98 -2.85
CA SER D 186 -7.57 -33.04 -2.38
C SER D 186 -8.53 -33.79 -1.46
N THR D 187 -8.53 -35.10 -1.64
CA THR D 187 -9.36 -36.01 -0.86
C THR D 187 -8.83 -36.12 0.57
N ILE D 188 -7.50 -36.03 0.68
CA ILE D 188 -6.79 -36.12 1.94
C ILE D 188 -6.41 -34.77 2.56
N GLY D 189 -6.81 -33.68 1.91
CA GLY D 189 -6.51 -32.36 2.42
C GLY D 189 -5.05 -32.09 2.74
N ILE D 190 -4.17 -32.70 1.96
CA ILE D 190 -2.74 -32.53 2.16
C ILE D 190 -2.31 -31.13 1.73
N ALA D 191 -3.10 -30.51 0.87
CA ALA D 191 -2.80 -29.19 0.33
C ALA D 191 -2.43 -28.14 1.39
N PRO D 192 -3.24 -28.01 2.45
CA PRO D 192 -2.95 -27.04 3.50
C PRO D 192 -1.77 -27.45 4.37
N VAL D 193 -1.59 -28.77 4.52
CA VAL D 193 -0.51 -29.33 5.30
C VAL D 193 0.84 -29.13 4.60
N LEU D 194 0.81 -29.15 3.27
CA LEU D 194 2.02 -28.97 2.48
C LEU D 194 2.40 -27.49 2.38
N GLU D 195 1.40 -26.62 2.32
CA GLU D 195 1.62 -25.19 2.19
C GLU D 195 2.32 -24.56 3.40
N GLU D 196 2.01 -25.06 4.59
CA GLU D 196 2.59 -24.56 5.84
C GLU D 196 4.04 -25.03 6.01
N GLU D 197 4.43 -26.05 5.25
CA GLU D 197 5.77 -26.62 5.34
C GLU D 197 6.74 -26.21 4.24
N VAL D 198 6.27 -25.42 3.28
CA VAL D 198 7.13 -24.95 2.19
C VAL D 198 6.96 -23.44 1.99
N GLY D 199 6.17 -22.83 2.88
CA GLY D 199 5.94 -21.40 2.80
C GLY D 199 5.48 -20.89 1.44
N ILE D 200 4.88 -21.77 0.65
CA ILE D 200 4.39 -21.39 -0.66
C ILE D 200 3.05 -22.02 -1.05
N PRO D 201 2.29 -21.37 -1.96
CA PRO D 201 0.99 -21.86 -2.43
C PRO D 201 1.00 -23.30 -2.94
N VAL D 202 0.09 -24.10 -2.39
CA VAL D 202 -0.06 -25.47 -2.81
C VAL D 202 -1.47 -25.50 -3.38
N ILE D 203 -1.55 -25.50 -4.70
CA ILE D 203 -2.83 -25.48 -5.37
C ILE D 203 -3.54 -26.83 -5.40
N ASP D 204 -4.58 -26.93 -4.59
CA ASP D 204 -5.41 -28.12 -4.49
C ASP D 204 -6.28 -28.19 -5.76
N PRO D 205 -6.17 -29.29 -6.52
CA PRO D 205 -6.95 -29.47 -7.76
C PRO D 205 -8.48 -29.38 -7.65
N VAL D 206 -9.06 -30.06 -6.67
CA VAL D 206 -10.51 -30.04 -6.50
C VAL D 206 -11.04 -28.65 -6.23
N ILE D 207 -10.28 -27.84 -5.49
CA ILE D 207 -10.68 -26.46 -5.20
C ILE D 207 -10.51 -25.63 -6.47
N ALA D 208 -9.46 -25.95 -7.24
CA ALA D 208 -9.16 -25.26 -8.49
C ALA D 208 -10.30 -25.40 -9.49
N SER D 209 -10.91 -26.58 -9.49
CA SER D 209 -12.03 -26.88 -10.38
C SER D 209 -13.26 -26.08 -9.99
N GLY D 210 -13.63 -26.13 -8.72
CA GLY D 210 -14.80 -25.39 -8.26
C GLY D 210 -14.73 -23.92 -8.64
N ALA D 211 -13.53 -23.38 -8.68
CA ALA D 211 -13.35 -21.98 -9.02
C ALA D 211 -13.56 -21.74 -10.51
N VAL D 212 -12.97 -22.58 -11.35
CA VAL D 212 -13.12 -22.44 -12.80
C VAL D 212 -14.58 -22.67 -13.20
N ALA D 213 -15.22 -23.63 -12.53
CA ALA D 213 -16.62 -23.95 -12.78
C ALA D 213 -17.47 -22.74 -12.46
N LEU D 214 -17.09 -22.02 -11.41
CA LEU D 214 -17.80 -20.82 -10.99
C LEU D 214 -17.65 -19.70 -12.02
N HIS D 215 -16.41 -19.48 -12.46
CA HIS D 215 -16.12 -18.44 -13.43
C HIS D 215 -16.83 -18.77 -14.73
N ALA D 216 -16.81 -20.03 -15.12
CA ALA D 216 -17.46 -20.48 -16.33
C ALA D 216 -18.93 -20.06 -16.32
N LEU D 217 -19.61 -20.33 -15.21
CA LEU D 217 -21.02 -20.00 -15.05
C LEU D 217 -21.25 -18.49 -15.00
N LYS D 218 -20.71 -17.87 -13.95
CA LYS D 218 -20.85 -16.43 -13.74
C LYS D 218 -20.42 -15.54 -14.91
N ARG D 219 -19.39 -15.93 -15.64
CA ARG D 219 -18.87 -15.12 -16.75
C ARG D 219 -19.86 -14.87 -17.89
N ARG D 220 -21.13 -15.19 -17.65
CA ARG D 220 -22.18 -15.00 -18.65
C ARG D 220 -23.25 -14.05 -18.13
#